data_2X8Y
#
_entry.id   2X8Y
#
_cell.length_a   173.096
_cell.length_b   173.096
_cell.length_c   101.566
_cell.angle_alpha   90.00
_cell.angle_beta   90.00
_cell.angle_gamma   120.00
#
_symmetry.space_group_name_H-M   'H 3'
#
loop_
_entity.id
_entity.type
_entity.pdbx_description
1 polymer 'ANGIOTENSIN CONVERTING ENZYME'
2 branched beta-D-mannopyranose-(1-6)-alpha-D-mannopyranose-(1-3)-[alpha-D-mannopyranose-(1-6)]beta-D-mannopyranose-(1-4)-2-acetamido-2-deoxy-beta-D-glucopyranose-(1-4)-2-acetamido-2-deoxy-beta-D-glucopyranose
3 non-polymer 'CITRATE ANION'
4 non-polymer 'ZINC ION'
5 non-polymer 2-acetamido-2-deoxy-beta-D-glucopyranose
6 water water
#
_entity_poly.entity_id   1
_entity_poly.type   'polypeptide(L)'
_entity_poly.pdbx_seq_one_letter_code
;ALVKEEIQAKEYLENLNKELAKRTNVETEAAWAYGSNITDENEKKKNEISAELAKFMKEVASDTTKFQWRSYQSEDLKRQ
FKALTKLGYAALPEDDYAELLDTLSAMESNFAKVKVCDYKDSTKCDLALDPEIEEVISKSRDHEELAYYWREFYDKAGTA
VRSQFERYVELNTKAAKLNNFTSGAEAWLDEYEDDTFEQQLEDIFADIRPLYQQIHGYVRFRLRKHYGDAVVSETGPIPM
HLLGNMWAQQWSEIADIVSPFPEKPLVDVSAEMEKQGYTPLKMFQMGDDFFTSMNLTKLPQDFWDKSIIEKPTDGRDLVC
HASAWDFYLTDDVRIKQCTRVTQDQLFTVHHELGHIQYFLQYQHQPFVYRTGANPGFHEAVGDVLSLSVSTPKHLEKIGL
LKDYVRDDEARINQLFLTALDKIVFLPFAFTMDKYRWSLFRGEVDKANWNCAFWKLRDEYSGIEPPVVRSEKDFDAPAKY
HISADVEYLRYLVSFIIQFQFYKSACIKAGQYDPDNVELPLDNCDIYGSAAAGAAFHNMLSMGASKPWPDALEAFNGERI
MSGKAIAEYFEPLRVWLEAENIKNNVHIGWTTSNKCVS
;
_entity_poly.pdbx_strand_id   A
#
loop_
_chem_comp.id
_chem_comp.type
_chem_comp.name
_chem_comp.formula
BMA D-saccharide, beta linking beta-D-mannopyranose 'C6 H12 O6'
FLC non-polymer 'CITRATE ANION' 'C6 H5 O7 -3'
MAN D-saccharide, alpha linking alpha-D-mannopyranose 'C6 H12 O6'
NAG D-saccharide, beta linking 2-acetamido-2-deoxy-beta-D-glucopyranose 'C8 H15 N O6'
ZN non-polymer 'ZINC ION' 'Zn 2'
#
# COMPACT_ATOMS: atom_id res chain seq x y z
N LYS A 4 41.75 -3.50 14.04
CA LYS A 4 42.79 -3.27 12.98
C LYS A 4 42.18 -3.46 11.58
N GLU A 5 41.43 -4.55 11.42
CA GLU A 5 40.82 -4.93 10.14
C GLU A 5 39.70 -3.98 9.69
N GLU A 6 39.12 -3.26 10.66
CA GLU A 6 37.99 -2.35 10.40
C GLU A 6 38.33 -1.20 9.44
N ILE A 7 39.60 -0.82 9.39
CA ILE A 7 40.08 0.22 8.48
C ILE A 7 39.94 -0.23 7.02
N GLN A 8 40.41 -1.44 6.73
CA GLN A 8 40.31 -2.02 5.39
C GLN A 8 38.85 -2.36 5.03
N ALA A 9 38.08 -2.76 6.05
CA ALA A 9 36.67 -3.11 5.88
C ALA A 9 35.83 -1.90 5.45
N LYS A 10 36.11 -0.75 6.06
CA LYS A 10 35.43 0.51 5.73
C LYS A 10 35.65 0.88 4.26
N GLU A 11 36.88 0.74 3.78
CA GLU A 11 37.23 0.99 2.38
C GLU A 11 36.56 -0.01 1.46
N TYR A 12 36.49 -1.27 1.91
CA TYR A 12 35.81 -2.33 1.15
C TYR A 12 34.33 -2.00 0.94
N LEU A 13 33.68 -1.53 2.01
CA LEU A 13 32.25 -1.22 1.97
C LEU A 13 31.95 0.00 1.10
N GLU A 14 32.80 1.02 1.20
CA GLU A 14 32.65 2.24 0.42
C GLU A 14 32.61 1.91 -1.08
N ASN A 15 33.55 1.09 -1.54
CA ASN A 15 33.62 0.67 -2.94
CA ASN A 15 33.63 0.66 -2.95
C ASN A 15 32.47 -0.25 -3.36
N LEU A 16 32.16 -1.23 -2.52
CA LEU A 16 31.11 -2.19 -2.81
C LEU A 16 29.72 -1.53 -2.93
N ASN A 17 29.43 -0.61 -2.00
CA ASN A 17 28.16 0.12 -2.04
C ASN A 17 27.97 0.85 -3.37
N LYS A 18 29.00 1.59 -3.78
CA LYS A 18 28.96 2.32 -5.05
C LYS A 18 28.80 1.38 -6.24
N GLU A 19 29.47 0.23 -6.18
CA GLU A 19 29.32 -0.79 -7.20
C GLU A 19 27.89 -1.36 -7.23
N LEU A 20 27.32 -1.61 -6.05
CA LEU A 20 25.97 -2.15 -5.96
C LEU A 20 24.92 -1.17 -6.49
N ALA A 21 25.10 0.12 -6.19
CA ALA A 21 24.22 1.16 -6.71
C ALA A 21 24.21 1.18 -8.24
N LYS A 22 25.40 1.11 -8.83
CA LYS A 22 25.56 1.13 -10.28
C LYS A 22 24.98 -0.11 -10.98
N ARG A 23 25.22 -1.28 -10.41
CA ARG A 23 24.66 -2.52 -10.93
C ARG A 23 23.14 -2.56 -10.79
N THR A 24 22.64 -2.05 -9.66
CA THR A 24 21.19 -2.01 -9.42
C THR A 24 20.49 -1.01 -10.36
N ASN A 25 21.18 0.10 -10.66
CA ASN A 25 20.69 1.05 -11.66
C ASN A 25 20.32 0.35 -12.98
N VAL A 26 21.21 -0.52 -13.45
CA VAL A 26 21.01 -1.28 -14.69
C VAL A 26 19.80 -2.21 -14.59
N GLU A 27 19.67 -2.91 -13.47
CA GLU A 27 18.52 -3.79 -13.23
C GLU A 27 17.22 -3.00 -13.22
N THR A 28 17.22 -1.87 -12.52
CA THR A 28 16.03 -1.04 -12.37
C THR A 28 15.56 -0.46 -13.71
N GLU A 29 16.51 -0.06 -14.56
CA GLU A 29 16.17 0.44 -15.90
C GLU A 29 15.43 -0.59 -16.75
N ALA A 30 15.90 -1.84 -16.70
CA ALA A 30 15.24 -2.94 -17.41
C ALA A 30 13.86 -3.28 -16.81
N ALA A 31 13.74 -3.19 -15.49
CA ALA A 31 12.46 -3.42 -14.81
C ALA A 31 11.46 -2.30 -15.14
N TRP A 32 11.97 -1.08 -15.22
CA TRP A 32 11.18 0.09 -15.61
C TRP A 32 10.66 -0.05 -17.05
N ALA A 33 11.56 -0.40 -17.97
CA ALA A 33 11.20 -0.57 -19.38
C ALA A 33 10.12 -1.63 -19.57
N TYR A 34 10.19 -2.70 -18.77
CA TYR A 34 9.22 -3.78 -18.85
C TYR A 34 7.85 -3.37 -18.32
N GLY A 35 7.83 -2.71 -17.17
CA GLY A 35 6.59 -2.25 -16.54
C GLY A 35 5.91 -1.16 -17.34
N SER A 36 6.71 -0.42 -18.12
CA SER A 36 6.21 0.67 -18.96
C SER A 36 5.76 0.17 -20.32
N ASN A 37 6.20 -1.04 -20.67
CA ASN A 37 6.02 -1.60 -22.01
C ASN A 37 6.20 -3.11 -21.97
N ILE A 38 5.13 -3.82 -21.65
CA ILE A 38 5.18 -5.28 -21.51
C ILE A 38 5.29 -5.98 -22.86
N THR A 39 6.46 -6.56 -23.13
CA THR A 39 6.72 -7.36 -24.31
C THR A 39 7.59 -8.56 -23.94
N ASP A 40 7.62 -9.57 -24.79
CA ASP A 40 8.46 -10.75 -24.57
C ASP A 40 9.95 -10.39 -24.55
N GLU A 41 10.34 -9.42 -25.37
CA GLU A 41 11.74 -8.98 -25.42
C GLU A 41 12.14 -8.23 -24.15
N ASN A 42 11.24 -7.37 -23.66
CA ASN A 42 11.50 -6.63 -22.42
C ASN A 42 11.48 -7.53 -21.18
N GLU A 43 10.62 -8.54 -21.20
CA GLU A 43 10.59 -9.56 -20.13
C GLU A 43 11.93 -10.29 -20.05
N LYS A 44 12.44 -10.71 -21.20
CA LYS A 44 13.72 -11.41 -21.29
C LYS A 44 14.86 -10.53 -20.78
N LYS A 45 14.87 -9.27 -21.19
CA LYS A 45 15.90 -8.31 -20.77
C LYS A 45 15.89 -8.11 -19.26
N LYS A 46 14.71 -7.84 -18.70
CA LYS A 46 14.56 -7.64 -17.25
C LYS A 46 15.11 -8.82 -16.46
N ASN A 47 14.68 -10.02 -16.84
CA ASN A 47 15.02 -11.24 -16.11
C ASN A 47 16.48 -11.65 -16.25
N GLU A 48 17.06 -11.44 -17.42
CA GLU A 48 18.46 -11.77 -17.66
C GLU A 48 19.40 -10.87 -16.84
N ILE A 49 19.09 -9.58 -16.77
CA ILE A 49 19.88 -8.64 -15.97
C ILE A 49 19.77 -8.97 -14.48
N SER A 50 18.57 -9.34 -14.03
CA SER A 50 18.35 -9.72 -12.63
C SER A 50 19.16 -10.94 -12.24
N ALA A 51 19.21 -11.93 -13.15
CA ALA A 51 20.02 -13.13 -12.99
C ALA A 51 21.50 -12.78 -12.84
N GLU A 52 21.97 -11.84 -13.64
CA GLU A 52 23.34 -11.34 -13.57
C GLU A 52 23.66 -10.68 -12.23
N LEU A 53 22.77 -9.82 -11.74
CA LEU A 53 22.97 -9.18 -10.43
C LEU A 53 22.93 -10.20 -9.29
N ALA A 54 22.02 -11.17 -9.40
CA ALA A 54 21.92 -12.23 -8.39
C ALA A 54 23.24 -12.99 -8.24
N LYS A 55 23.86 -13.32 -9.39
CA LYS A 55 25.16 -13.98 -9.41
C LYS A 55 26.23 -13.17 -8.69
N PHE A 56 26.24 -11.85 -8.93
CA PHE A 56 27.18 -10.95 -8.26
C PHE A 56 26.92 -10.88 -6.75
N MET A 57 25.64 -10.85 -6.36
CA MET A 57 25.25 -10.85 -4.95
C MET A 57 25.76 -12.08 -4.21
N LYS A 58 25.70 -13.24 -4.88
CA LYS A 58 26.24 -14.50 -4.34
C LYS A 58 27.72 -14.36 -3.98
N GLU A 59 28.48 -13.75 -4.89
CA GLU A 59 29.91 -13.49 -4.67
C GLU A 59 30.10 -12.55 -3.46
N VAL A 60 29.27 -11.52 -3.37
CA VAL A 60 29.35 -10.55 -2.27
C VAL A 60 29.14 -11.22 -0.91
N ALA A 61 28.04 -11.98 -0.78
CA ALA A 61 27.72 -12.69 0.46
C ALA A 61 28.85 -13.65 0.85
N SER A 62 29.45 -14.29 -0.15
CA SER A 62 30.60 -15.18 0.06
C SER A 62 31.81 -14.40 0.55
N ASP A 63 32.03 -13.21 -0.03
CA ASP A 63 33.15 -12.35 0.35
C ASP A 63 33.06 -11.77 1.75
N THR A 64 31.86 -11.63 2.30
CA THR A 64 31.69 -11.10 3.66
C THR A 64 32.30 -12.01 4.73
N THR A 65 32.37 -13.31 4.45
CA THR A 65 32.94 -14.29 5.37
C THR A 65 34.45 -14.10 5.57
N LYS A 66 35.08 -13.37 4.65
CA LYS A 66 36.51 -13.05 4.74
C LYS A 66 36.79 -11.92 5.73
N PHE A 67 35.74 -11.20 6.11
CA PHE A 67 35.83 -10.14 7.11
C PHE A 67 35.23 -10.62 8.43
N GLN A 68 35.95 -10.38 9.53
CA GLN A 68 35.49 -10.76 10.86
C GLN A 68 34.49 -9.72 11.38
N TRP A 69 33.44 -9.45 10.60
CA TRP A 69 32.59 -8.28 10.85
C TRP A 69 31.84 -8.29 12.19
N ARG A 70 31.43 -9.48 12.63
CA ARG A 70 30.73 -9.60 13.92
C ARG A 70 31.61 -9.22 15.11
N SER A 71 32.93 -9.20 14.89
CA SER A 71 33.91 -8.82 15.91
C SER A 71 34.18 -7.31 16.00
N TYR A 72 33.60 -6.54 15.10
CA TYR A 72 33.95 -5.12 14.96
C TYR A 72 33.42 -4.22 16.09
N GLN A 73 34.14 -3.11 16.33
CA GLN A 73 33.71 -2.08 17.28
C GLN A 73 32.56 -1.25 16.72
N SER A 74 32.63 -0.95 15.42
CA SER A 74 31.69 -0.03 14.76
C SER A 74 30.35 -0.69 14.47
N GLU A 75 29.31 -0.19 15.13
CA GLU A 75 27.94 -0.63 14.90
C GLU A 75 27.53 -0.37 13.45
N ASP A 76 28.02 0.74 12.89
CA ASP A 76 27.73 1.11 11.51
C ASP A 76 28.29 0.12 10.49
N LEU A 77 29.54 -0.28 10.70
CA LEU A 77 30.18 -1.25 9.80
C LEU A 77 29.51 -2.60 9.89
N LYS A 78 29.20 -3.03 11.11
CA LYS A 78 28.50 -4.30 11.34
C LYS A 78 27.12 -4.33 10.67
N ARG A 79 26.40 -3.21 10.77
CA ARG A 79 25.06 -3.10 10.18
C ARG A 79 25.11 -3.22 8.65
N GLN A 80 26.10 -2.58 8.03
CA GLN A 80 26.32 -2.65 6.59
C GLN A 80 26.67 -4.06 6.14
N PHE A 81 27.61 -4.69 6.85
CA PHE A 81 27.99 -6.07 6.53
C PHE A 81 26.82 -7.02 6.67
N LYS A 82 26.02 -6.85 7.72
CA LYS A 82 24.84 -7.69 7.91
C LYS A 82 23.87 -7.56 6.73
N ALA A 83 23.64 -6.32 6.27
CA ALA A 83 22.78 -6.08 5.10
C ALA A 83 23.25 -6.83 3.86
N LEU A 84 24.57 -6.91 3.67
CA LEU A 84 25.18 -7.61 2.53
C LEU A 84 25.07 -9.13 2.57
N THR A 85 24.93 -9.69 3.76
CA THR A 85 24.80 -11.15 3.91
C THR A 85 23.42 -11.63 3.49
N LYS A 86 22.46 -10.72 3.47
CA LYS A 86 21.06 -11.08 3.20
C LYS A 86 20.77 -11.13 1.71
N LEU A 87 20.85 -12.33 1.14
CA LEU A 87 20.73 -12.55 -0.30
C LEU A 87 19.31 -12.53 -0.84
N GLY A 88 18.36 -12.93 -0.01
CA GLY A 88 16.98 -13.13 -0.48
C GLY A 88 16.92 -14.19 -1.57
N TYR A 89 16.18 -13.90 -2.63
CA TYR A 89 16.03 -14.81 -3.76
C TYR A 89 17.36 -15.18 -4.42
N ALA A 90 18.32 -14.26 -4.36
CA ALA A 90 19.64 -14.48 -4.98
C ALA A 90 20.45 -15.62 -4.33
N ALA A 91 19.93 -16.19 -3.25
CA ALA A 91 20.55 -17.35 -2.62
C ALA A 91 20.26 -18.64 -3.40
N LEU A 92 19.23 -18.60 -4.25
CA LEU A 92 18.82 -19.77 -5.04
C LEU A 92 19.86 -20.16 -6.10
N PRO A 93 19.98 -21.47 -6.40
CA PRO A 93 20.81 -21.92 -7.52
C PRO A 93 20.40 -21.20 -8.80
N GLU A 94 21.34 -21.03 -9.71
CA GLU A 94 21.13 -20.27 -10.95
C GLU A 94 19.83 -20.63 -11.68
N ASP A 95 19.61 -21.93 -11.88
CA ASP A 95 18.43 -22.42 -12.59
C ASP A 95 17.12 -22.11 -11.86
N ASP A 96 17.14 -22.29 -10.53
CA ASP A 96 15.97 -22.03 -9.69
C ASP A 96 15.60 -20.55 -9.67
N TYR A 97 16.63 -19.69 -9.66
CA TYR A 97 16.42 -18.26 -9.69
C TYR A 97 15.81 -17.83 -11.02
N ALA A 98 16.32 -18.39 -12.12
CA ALA A 98 15.78 -18.10 -13.46
C ALA A 98 14.32 -18.52 -13.58
N GLU A 99 14.00 -19.70 -13.06
CA GLU A 99 12.62 -20.18 -13.03
C GLU A 99 11.71 -19.26 -12.21
N LEU A 100 12.19 -18.84 -11.03
CA LEU A 100 11.40 -17.92 -10.20
C LEU A 100 11.08 -16.62 -10.93
N LEU A 101 12.10 -16.01 -11.55
CA LEU A 101 11.93 -14.79 -12.33
C LEU A 101 10.89 -14.97 -13.42
N ASP A 102 10.92 -16.13 -14.08
CA ASP A 102 9.99 -16.47 -15.15
C ASP A 102 8.55 -16.59 -14.64
N THR A 103 8.39 -17.21 -13.46
CA THR A 103 7.08 -17.36 -12.86
C THR A 103 6.53 -16.01 -12.40
N LEU A 104 7.40 -15.20 -11.79
CA LEU A 104 7.03 -13.86 -11.32
C LEU A 104 6.53 -12.95 -12.44
N SER A 105 7.26 -12.92 -13.56
CA SER A 105 6.82 -12.10 -14.70
C SER A 105 5.56 -12.66 -15.35
N ALA A 106 5.41 -13.99 -15.32
CA ALA A 106 4.19 -14.63 -15.81
C ALA A 106 2.95 -14.14 -15.04
N MET A 107 3.09 -14.03 -13.72
CA MET A 107 1.98 -13.59 -12.87
C MET A 107 1.71 -12.08 -12.99
N GLU A 108 2.76 -11.26 -12.99
CA GLU A 108 2.57 -9.81 -13.10
C GLU A 108 2.02 -9.41 -14.46
N SER A 109 2.50 -10.08 -15.52
CA SER A 109 2.03 -9.77 -16.88
C SER A 109 0.59 -10.23 -17.10
N ASN A 110 0.24 -11.41 -16.58
CA ASN A 110 -1.16 -11.86 -16.58
C ASN A 110 -2.08 -10.80 -15.96
N PHE A 111 -1.72 -10.32 -14.76
CA PHE A 111 -2.52 -9.31 -14.08
C PHE A 111 -2.68 -8.06 -14.94
N ALA A 112 -1.57 -7.58 -15.49
CA ALA A 112 -1.53 -6.35 -16.26
C ALA A 112 -2.30 -6.45 -17.58
N LYS A 113 -2.38 -7.67 -18.12
CA LYS A 113 -3.00 -7.89 -19.43
C LYS A 113 -4.48 -8.24 -19.38
N VAL A 114 -5.05 -8.35 -18.19
CA VAL A 114 -6.47 -8.73 -18.04
C VAL A 114 -7.41 -7.77 -18.78
N LYS A 115 -8.26 -8.34 -19.61
CA LYS A 115 -9.31 -7.59 -20.32
C LYS A 115 -10.61 -8.38 -20.21
N VAL A 116 -11.72 -7.67 -20.02
CA VAL A 116 -13.03 -8.33 -19.92
C VAL A 116 -14.01 -7.75 -20.94
N CYS A 117 -15.11 -8.46 -21.17
CA CYS A 117 -16.16 -8.00 -22.08
C CYS A 117 -17.16 -7.11 -21.37
N ASP A 118 -17.64 -6.08 -22.07
CA ASP A 118 -18.67 -5.17 -21.59
C ASP A 118 -19.91 -5.96 -21.15
N TYR A 119 -20.46 -5.58 -19.99
CA TYR A 119 -21.68 -6.19 -19.44
C TYR A 119 -22.87 -6.08 -20.40
N LYS A 120 -22.93 -4.97 -21.13
CA LYS A 120 -24.05 -4.67 -22.02
C LYS A 120 -23.73 -4.97 -23.49
N ASP A 121 -22.50 -5.36 -23.78
CA ASP A 121 -22.04 -5.58 -25.16
C ASP A 121 -20.96 -6.66 -25.21
N SER A 122 -21.37 -7.90 -25.47
CA SER A 122 -20.45 -9.05 -25.47
C SER A 122 -19.44 -9.04 -26.63
N THR A 123 -19.52 -8.01 -27.47
CA THR A 123 -18.59 -7.82 -28.58
C THR A 123 -17.41 -6.94 -28.19
N LYS A 124 -17.66 -5.99 -27.29
CA LYS A 124 -16.63 -5.08 -26.81
C LYS A 124 -15.88 -5.72 -25.63
N CYS A 125 -14.69 -6.25 -25.91
CA CYS A 125 -13.93 -7.02 -24.93
C CYS A 125 -12.52 -6.48 -24.64
N ASP A 126 -12.41 -5.16 -24.57
CA ASP A 126 -11.13 -4.50 -24.31
C ASP A 126 -11.15 -3.65 -23.05
N LEU A 127 -12.02 -4.01 -22.11
CA LEU A 127 -12.14 -3.30 -20.84
C LEU A 127 -11.04 -3.79 -19.88
N ALA A 128 -10.15 -2.88 -19.51
CA ALA A 128 -9.10 -3.19 -18.53
C ALA A 128 -9.54 -2.77 -17.14
N LEU A 129 -8.90 -3.32 -16.10
CA LEU A 129 -9.19 -2.91 -14.73
C LEU A 129 -9.06 -1.40 -14.57
N ASP A 130 -7.93 -0.87 -15.04
CA ASP A 130 -7.64 0.56 -14.98
C ASP A 130 -7.65 1.10 -16.40
N PRO A 131 -8.63 1.95 -16.76
CA PRO A 131 -9.67 2.50 -15.89
C PRO A 131 -11.08 1.89 -15.99
N GLU A 132 -11.33 1.05 -16.99
CA GLU A 132 -12.70 0.66 -17.34
C GLU A 132 -13.48 -0.09 -16.25
N ILE A 133 -12.92 -1.18 -15.74
CA ILE A 133 -13.64 -2.00 -14.75
C ILE A 133 -13.77 -1.23 -13.43
N GLU A 134 -12.70 -0.56 -13.00
CA GLU A 134 -12.74 0.22 -11.77
C GLU A 134 -13.73 1.37 -11.82
N GLU A 135 -13.94 1.92 -13.00
CA GLU A 135 -14.99 2.94 -13.21
C GLU A 135 -16.36 2.39 -12.82
N VAL A 136 -16.67 1.17 -13.28
CA VAL A 136 -17.96 0.53 -12.97
C VAL A 136 -18.05 0.17 -11.47
N ILE A 137 -17.02 -0.49 -10.95
CA ILE A 137 -17.01 -0.93 -9.55
C ILE A 137 -17.21 0.24 -8.58
N SER A 138 -16.62 1.39 -8.91
CA SER A 138 -16.72 2.57 -8.05
C SER A 138 -18.03 3.36 -8.21
N LYS A 139 -18.67 3.26 -9.37
CA LYS A 139 -19.82 4.12 -9.69
C LYS A 139 -21.18 3.42 -9.83
N SER A 140 -21.19 2.19 -10.32
CA SER A 140 -22.45 1.47 -10.54
C SER A 140 -23.13 1.10 -9.22
N ARG A 141 -24.46 1.21 -9.19
CA ARG A 141 -25.24 0.70 -8.07
C ARG A 141 -26.22 -0.37 -8.56
N ASP A 142 -25.87 -1.02 -9.66
CA ASP A 142 -26.59 -2.18 -10.17
C ASP A 142 -25.84 -3.39 -9.66
N HIS A 143 -26.39 -4.04 -8.62
CA HIS A 143 -25.71 -5.14 -7.95
C HIS A 143 -25.36 -6.31 -8.87
N GLU A 144 -26.17 -6.57 -9.89
CA GLU A 144 -25.87 -7.66 -10.81
C GLU A 144 -24.78 -7.30 -11.82
N GLU A 145 -24.73 -6.03 -12.21
CA GLU A 145 -23.63 -5.53 -13.04
C GLU A 145 -22.31 -5.65 -12.28
N LEU A 146 -22.33 -5.19 -11.04
CA LEU A 146 -21.17 -5.28 -10.14
C LEU A 146 -20.66 -6.73 -9.99
N ALA A 147 -21.59 -7.65 -9.75
CA ALA A 147 -21.26 -9.08 -9.63
C ALA A 147 -20.68 -9.66 -10.91
N TYR A 148 -21.18 -9.21 -12.06
CA TYR A 148 -20.62 -9.65 -13.35
C TYR A 148 -19.14 -9.30 -13.45
N TYR A 149 -18.81 -8.04 -13.18
CA TYR A 149 -17.44 -7.55 -13.32
C TYR A 149 -16.50 -8.15 -12.28
N TRP A 150 -17.02 -8.38 -11.07
CA TRP A 150 -16.27 -9.06 -10.02
C TRP A 150 -15.86 -10.45 -10.49
N ARG A 151 -16.82 -11.23 -10.99
CA ARG A 151 -16.57 -12.60 -11.42
C ARG A 151 -15.60 -12.65 -12.60
N GLU A 152 -15.81 -11.80 -13.60
CA GLU A 152 -14.95 -11.77 -14.78
C GLU A 152 -13.51 -11.45 -14.40
N PHE A 153 -13.33 -10.43 -13.56
CA PHE A 153 -11.99 -10.02 -13.15
C PHE A 153 -11.25 -11.08 -12.33
N TYR A 154 -11.89 -11.59 -11.27
CA TYR A 154 -11.28 -12.61 -10.41
C TYR A 154 -10.94 -13.91 -11.16
N ASP A 155 -11.82 -14.32 -12.07
CA ASP A 155 -11.55 -15.50 -12.90
C ASP A 155 -10.28 -15.33 -13.73
N LYS A 156 -10.08 -14.14 -14.30
CA LYS A 156 -8.96 -13.88 -15.21
C LYS A 156 -7.67 -13.46 -14.50
N ALA A 157 -7.81 -12.69 -13.43
CA ALA A 157 -6.64 -12.18 -12.69
C ALA A 157 -6.20 -13.12 -11.59
N GLY A 158 -7.15 -13.91 -11.06
CA GLY A 158 -6.85 -14.83 -9.98
C GLY A 158 -6.62 -16.27 -10.43
N THR A 159 -7.72 -16.93 -10.79
CA THR A 159 -7.73 -18.36 -11.09
C THR A 159 -6.71 -18.77 -12.17
N ALA A 160 -6.53 -17.90 -13.16
CA ALA A 160 -5.66 -18.19 -14.31
C ALA A 160 -4.19 -18.47 -13.97
N VAL A 161 -3.75 -18.01 -12.79
CA VAL A 161 -2.34 -18.18 -12.41
C VAL A 161 -2.08 -19.08 -11.20
N ARG A 162 -3.02 -19.95 -10.88
CA ARG A 162 -2.87 -20.87 -9.74
C ARG A 162 -1.58 -21.69 -9.80
N SER A 163 -1.32 -22.33 -10.94
CA SER A 163 -0.13 -23.18 -11.08
C SER A 163 1.17 -22.39 -10.92
N GLN A 164 1.21 -21.18 -11.48
CA GLN A 164 2.37 -20.29 -11.34
C GLN A 164 2.54 -19.87 -9.88
N PHE A 165 1.42 -19.54 -9.23
CA PHE A 165 1.46 -19.15 -7.83
C PHE A 165 1.98 -20.28 -6.93
N GLU A 166 1.55 -21.52 -7.22
CA GLU A 166 2.03 -22.69 -6.49
C GLU A 166 3.53 -22.87 -6.58
N ARG A 167 4.09 -22.71 -7.78
CA ARG A 167 5.53 -22.82 -8.00
C ARG A 167 6.28 -21.66 -7.36
N TYR A 168 5.67 -20.47 -7.37
CA TYR A 168 6.21 -19.30 -6.69
C TYR A 168 6.37 -19.54 -5.19
N VAL A 169 5.32 -20.09 -4.56
CA VAL A 169 5.37 -20.44 -3.13
C VAL A 169 6.51 -21.44 -2.84
N GLU A 170 6.65 -22.46 -3.68
CA GLU A 170 7.73 -23.43 -3.55
C GLU A 170 9.12 -22.79 -3.58
N LEU A 171 9.36 -21.94 -4.57
CA LEU A 171 10.68 -21.32 -4.73
C LEU A 171 10.95 -20.21 -3.72
N ASN A 172 9.90 -19.49 -3.34
CA ASN A 172 10.00 -18.51 -2.26
C ASN A 172 10.42 -19.21 -0.97
N THR A 173 9.83 -20.37 -0.70
CA THR A 173 10.16 -21.17 0.49
C THR A 173 11.59 -21.68 0.44
N LYS A 174 11.98 -22.23 -0.72
CA LYS A 174 13.34 -22.72 -0.93
C LYS A 174 14.37 -21.59 -0.72
N ALA A 175 14.07 -20.41 -1.23
CA ALA A 175 14.94 -19.23 -1.06
C ALA A 175 15.11 -18.83 0.40
N ALA A 176 13.99 -18.73 1.12
CA ALA A 176 14.00 -18.37 2.54
C ALA A 176 14.86 -19.33 3.37
N LYS A 177 14.69 -20.62 3.12
CA LYS A 177 15.43 -21.66 3.84
C LYS A 177 16.92 -21.64 3.52
N LEU A 178 17.28 -21.27 2.30
CA LEU A 178 18.69 -21.08 1.94
C LEU A 178 19.32 -19.90 2.68
N ASN A 179 18.49 -18.96 3.11
CA ASN A 179 18.94 -17.86 3.97
C ASN A 179 18.76 -18.18 5.45
N ASN A 180 18.35 -19.41 5.73
CA ASN A 180 18.11 -19.93 7.08
C ASN A 180 16.96 -19.27 7.85
N PHE A 181 16.02 -18.69 7.12
CA PHE A 181 14.72 -18.35 7.68
C PHE A 181 13.83 -19.58 7.56
N THR A 182 12.86 -19.71 8.47
CA THR A 182 11.91 -20.83 8.41
C THR A 182 11.11 -20.82 7.09
N SER A 183 10.67 -19.64 6.67
CA SER A 183 9.86 -19.48 5.48
C SER A 183 9.93 -18.03 4.99
N GLY A 184 9.22 -17.74 3.90
CA GLY A 184 9.16 -16.39 3.37
C GLY A 184 8.48 -15.40 4.30
N ALA A 185 7.68 -15.92 5.24
CA ALA A 185 7.03 -15.09 6.23
C ALA A 185 8.12 -14.45 7.10
N GLU A 186 9.05 -15.28 7.59
CA GLU A 186 10.16 -14.79 8.44
C GLU A 186 11.13 -13.91 7.67
N ALA A 187 11.37 -14.24 6.40
CA ALA A 187 12.19 -13.39 5.52
C ALA A 187 11.60 -11.98 5.40
N TRP A 188 10.30 -11.88 5.19
CA TRP A 188 9.63 -10.58 5.15
C TRP A 188 9.71 -9.84 6.49
N LEU A 189 9.37 -10.55 7.57
CA LEU A 189 9.34 -9.95 8.91
C LEU A 189 10.70 -9.46 9.40
N ASP A 190 11.76 -10.01 8.82
CA ASP A 190 13.13 -9.60 9.15
C ASP A 190 13.36 -8.12 8.88
N GLU A 191 12.64 -7.57 7.89
CA GLU A 191 12.74 -6.14 7.56
C GLU A 191 12.31 -5.20 8.68
N TYR A 192 11.58 -5.72 9.67
CA TYR A 192 11.11 -4.90 10.79
C TYR A 192 12.00 -4.99 12.03
N GLU A 193 13.05 -5.82 11.95
CA GLU A 193 14.08 -5.91 13.00
C GLU A 193 13.51 -5.94 14.42
N ASP A 194 12.52 -6.78 14.64
CA ASP A 194 11.83 -6.85 15.93
C ASP A 194 11.15 -8.20 16.07
N ASP A 195 11.67 -9.03 16.99
CA ASP A 195 11.18 -10.41 17.11
C ASP A 195 9.80 -10.56 17.78
N THR A 196 9.19 -9.45 18.18
CA THR A 196 7.82 -9.46 18.70
C THR A 196 6.87 -8.66 17.80
N PHE A 197 7.28 -8.42 16.55
CA PHE A 197 6.54 -7.52 15.66
C PHE A 197 5.11 -8.00 15.36
N GLU A 198 4.95 -9.30 15.10
CA GLU A 198 3.62 -9.87 14.85
C GLU A 198 2.69 -9.67 16.04
N GLN A 199 3.19 -9.99 17.24
CA GLN A 199 2.39 -9.83 18.45
C GLN A 199 2.01 -8.37 18.71
N GLN A 200 2.94 -7.45 18.43
CA GLN A 200 2.67 -6.03 18.55
C GLN A 200 1.49 -5.59 17.67
N LEU A 201 1.46 -6.12 16.44
CA LEU A 201 0.41 -5.80 15.50
C LEU A 201 -0.93 -6.43 15.88
N GLU A 202 -0.88 -7.66 16.41
CA GLU A 202 -2.08 -8.31 16.95
C GLU A 202 -2.70 -7.47 18.06
N ASP A 203 -1.84 -6.94 18.94
CA ASP A 203 -2.30 -6.11 20.07
C ASP A 203 -2.94 -4.81 19.59
N ILE A 204 -2.28 -4.11 18.68
CA ILE A 204 -2.84 -2.87 18.12
C ILE A 204 -4.13 -3.15 17.36
N PHE A 205 -4.11 -4.18 16.52
CA PHE A 205 -5.31 -4.54 15.79
C PHE A 205 -6.50 -4.83 16.72
N ALA A 206 -6.26 -5.58 17.79
CA ALA A 206 -7.32 -5.92 18.75
C ALA A 206 -7.94 -4.67 19.41
N ASP A 207 -7.12 -3.64 19.63
CA ASP A 207 -7.60 -2.38 20.18
C ASP A 207 -8.51 -1.60 19.22
N ILE A 208 -8.22 -1.68 17.93
CA ILE A 208 -8.98 -0.92 16.91
C ILE A 208 -10.16 -1.73 16.36
N ARG A 209 -10.09 -3.04 16.51
CA ARG A 209 -11.12 -3.94 16.00
C ARG A 209 -12.57 -3.59 16.38
N PRO A 210 -12.84 -3.22 17.66
CA PRO A 210 -14.22 -2.86 18.01
C PRO A 210 -14.76 -1.69 17.17
N LEU A 211 -13.93 -0.68 16.91
CA LEU A 211 -14.36 0.44 16.06
C LEU A 211 -14.69 -0.03 14.64
N TYR A 212 -13.85 -0.90 14.09
CA TYR A 212 -14.12 -1.46 12.75
C TYR A 212 -15.49 -2.14 12.71
N GLN A 213 -15.78 -2.93 13.74
CA GLN A 213 -17.05 -3.66 13.81
C GLN A 213 -18.27 -2.73 13.87
N GLN A 214 -18.12 -1.58 14.53
CA GLN A 214 -19.17 -0.56 14.54
C GLN A 214 -19.37 0.06 13.15
N ILE A 215 -18.27 0.33 12.46
CA ILE A 215 -18.33 0.89 11.10
C ILE A 215 -18.97 -0.14 10.16
N HIS A 216 -18.50 -1.38 10.25
CA HIS A 216 -19.03 -2.49 9.46
C HIS A 216 -20.54 -2.61 9.64
N GLY A 217 -20.98 -2.65 10.91
CA GLY A 217 -22.40 -2.76 11.25
C GLY A 217 -23.24 -1.65 10.65
N TYR A 218 -22.76 -0.42 10.77
CA TYR A 218 -23.49 0.74 10.26
C TYR A 218 -23.56 0.74 8.73
N VAL A 219 -22.44 0.43 8.07
CA VAL A 219 -22.41 0.35 6.61
C VAL A 219 -23.40 -0.70 6.08
N ARG A 220 -23.41 -1.88 6.71
CA ARG A 220 -24.34 -2.96 6.35
C ARG A 220 -25.80 -2.52 6.49
N PHE A 221 -26.11 -1.87 7.60
CA PHE A 221 -27.43 -1.26 7.84
C PHE A 221 -27.84 -0.32 6.71
N ARG A 222 -26.94 0.59 6.34
CA ARG A 222 -27.22 1.56 5.28
C ARG A 222 -27.33 0.90 3.90
N LEU A 223 -26.52 -0.12 3.64
CA LEU A 223 -26.61 -0.86 2.38
C LEU A 223 -27.94 -1.63 2.24
N ARG A 224 -28.48 -2.11 3.36
CA ARG A 224 -29.78 -2.79 3.37
C ARG A 224 -30.91 -1.86 2.93
N LYS A 225 -30.82 -0.59 3.33
CA LYS A 225 -31.82 0.42 2.96
C LYS A 225 -31.75 0.75 1.47
N HIS A 226 -30.54 0.70 0.92
CA HIS A 226 -30.33 0.98 -0.51
C HIS A 226 -30.70 -0.19 -1.42
N TYR A 227 -30.13 -1.37 -1.14
CA TYR A 227 -30.30 -2.54 -2.02
C TYR A 227 -31.46 -3.47 -1.63
N GLY A 228 -31.90 -3.40 -0.38
CA GLY A 228 -32.94 -4.29 0.12
C GLY A 228 -32.36 -5.56 0.72
N ASP A 229 -33.17 -6.24 1.53
CA ASP A 229 -32.71 -7.42 2.27
C ASP A 229 -32.47 -8.67 1.42
N ALA A 230 -32.94 -8.66 0.18
CA ALA A 230 -32.63 -9.75 -0.75
C ALA A 230 -31.15 -9.73 -1.15
N VAL A 231 -30.55 -8.55 -1.17
CA VAL A 231 -29.14 -8.37 -1.56
C VAL A 231 -28.19 -8.38 -0.36
N VAL A 232 -28.61 -7.73 0.73
CA VAL A 232 -27.79 -7.60 1.94
C VAL A 232 -28.56 -8.08 3.17
N SER A 233 -28.02 -9.08 3.87
CA SER A 233 -28.66 -9.59 5.08
C SER A 233 -28.17 -8.79 6.29
N GLU A 234 -28.97 -8.78 7.36
CA GLU A 234 -28.62 -8.10 8.61
C GLU A 234 -27.48 -8.80 9.34
N THR A 235 -27.45 -10.12 9.24
CA THR A 235 -26.60 -10.93 10.12
C THR A 235 -25.38 -11.55 9.43
N GLY A 236 -25.35 -11.52 8.10
CA GLY A 236 -24.26 -12.14 7.35
C GLY A 236 -23.15 -11.17 6.97
N PRO A 237 -22.02 -11.70 6.46
CA PRO A 237 -20.96 -10.86 5.89
C PRO A 237 -21.50 -10.02 4.74
N ILE A 238 -20.95 -8.82 4.58
CA ILE A 238 -21.36 -7.92 3.51
C ILE A 238 -20.87 -8.45 2.15
N PRO A 239 -21.78 -8.54 1.15
CA PRO A 239 -21.33 -8.88 -0.21
C PRO A 239 -20.37 -7.81 -0.71
N MET A 240 -19.16 -8.22 -1.04
CA MET A 240 -18.03 -7.30 -1.23
C MET A 240 -18.13 -6.41 -2.47
N HIS A 241 -18.88 -6.86 -3.47
CA HIS A 241 -19.03 -6.11 -4.72
C HIS A 241 -19.83 -4.81 -4.56
N LEU A 242 -20.46 -4.63 -3.40
CA LEU A 242 -21.25 -3.45 -3.11
C LEU A 242 -20.44 -2.36 -2.41
N LEU A 243 -19.16 -2.62 -2.19
CA LEU A 243 -18.34 -1.75 -1.35
C LEU A 243 -17.50 -0.73 -2.11
N GLY A 244 -17.68 -0.66 -3.43
CA GLY A 244 -17.07 0.39 -4.26
C GLY A 244 -15.62 0.16 -4.64
N ASN A 245 -15.12 -1.03 -4.35
CA ASN A 245 -13.71 -1.37 -4.58
C ASN A 245 -13.60 -2.86 -4.88
N MET A 246 -12.79 -3.21 -5.88
CA MET A 246 -12.67 -4.59 -6.36
C MET A 246 -12.28 -5.58 -5.26
N TRP A 247 -11.54 -5.09 -4.26
CA TRP A 247 -11.01 -5.93 -3.18
C TRP A 247 -11.63 -5.57 -1.82
N ALA A 248 -12.58 -4.63 -1.85
CA ALA A 248 -13.24 -4.09 -0.67
C ALA A 248 -12.25 -3.58 0.37
N GLN A 249 -11.10 -3.07 -0.10
CA GLN A 249 -10.03 -2.64 0.80
C GLN A 249 -10.29 -1.26 1.39
N GLN A 250 -11.00 -0.43 0.64
CA GLN A 250 -11.45 0.89 1.11
CA GLN A 250 -11.45 0.89 1.11
C GLN A 250 -12.87 1.13 0.59
N TRP A 251 -13.71 1.75 1.41
CA TRP A 251 -15.14 1.88 1.03
C TRP A 251 -15.61 3.29 0.70
N SER A 252 -14.67 4.22 0.51
CA SER A 252 -15.03 5.62 0.33
C SER A 252 -15.88 5.91 -0.91
N GLU A 253 -15.81 5.06 -1.92
CA GLU A 253 -16.58 5.25 -3.15
C GLU A 253 -18.10 5.13 -2.95
N ILE A 254 -18.53 4.51 -1.85
CA ILE A 254 -19.96 4.39 -1.54
C ILE A 254 -20.42 5.34 -0.43
N ALA A 255 -19.57 6.31 -0.08
CA ALA A 255 -19.89 7.27 0.99
C ALA A 255 -21.20 8.04 0.76
N ASP A 256 -21.55 8.28 -0.50
CA ASP A 256 -22.77 9.02 -0.83
C ASP A 256 -24.05 8.28 -0.43
N ILE A 257 -23.95 6.96 -0.26
CA ILE A 257 -25.12 6.17 0.17
C ILE A 257 -25.06 5.67 1.62
N VAL A 258 -23.90 5.81 2.27
CA VAL A 258 -23.76 5.34 3.66
C VAL A 258 -23.38 6.45 4.67
N SER A 259 -23.36 7.70 4.22
CA SER A 259 -22.91 8.81 5.06
C SER A 259 -23.89 9.14 6.18
N PRO A 260 -23.36 9.37 7.40
CA PRO A 260 -24.16 9.65 8.59
C PRO A 260 -25.24 10.71 8.39
N PHE A 261 -24.89 11.82 7.73
CA PHE A 261 -25.83 12.91 7.52
C PHE A 261 -25.93 13.29 6.04
N PRO A 262 -26.82 12.60 5.29
CA PRO A 262 -26.94 12.77 3.83
C PRO A 262 -27.38 14.15 3.37
N GLU A 263 -28.02 14.92 4.25
CA GLU A 263 -28.48 16.27 3.90
C GLU A 263 -27.38 17.32 4.13
N LYS A 264 -26.28 16.87 4.74
CA LYS A 264 -25.15 17.74 5.04
C LYS A 264 -23.98 17.44 4.10
N PRO A 265 -22.99 18.35 4.01
CA PRO A 265 -21.91 18.24 3.02
C PRO A 265 -21.08 16.96 3.14
N LEU A 266 -20.82 16.34 2.00
CA LEU A 266 -19.86 15.25 1.91
C LEU A 266 -18.80 15.62 0.89
N VAL A 267 -17.54 15.64 1.32
CA VAL A 267 -16.45 16.11 0.46
C VAL A 267 -16.17 15.15 -0.70
N ASP A 268 -16.37 15.65 -1.91
CA ASP A 268 -16.07 14.92 -3.13
C ASP A 268 -15.69 15.93 -4.21
N VAL A 269 -14.38 16.20 -4.33
CA VAL A 269 -13.89 17.32 -5.14
C VAL A 269 -13.59 16.97 -6.60
N SER A 270 -13.84 15.72 -6.99
CA SER A 270 -13.58 15.24 -8.35
C SER A 270 -14.22 16.14 -9.42
N ALA A 271 -15.49 16.48 -9.22
CA ALA A 271 -16.23 17.31 -10.17
C ALA A 271 -15.62 18.70 -10.31
N GLU A 272 -15.23 19.30 -9.19
CA GLU A 272 -14.60 20.62 -9.20
C GLU A 272 -13.21 20.62 -9.84
N MET A 273 -12.48 19.51 -9.69
CA MET A 273 -11.20 19.32 -10.35
C MET A 273 -11.39 19.34 -11.87
N GLU A 274 -12.37 18.58 -12.36
CA GLU A 274 -12.71 18.57 -13.79
C GLU A 274 -13.19 19.94 -14.27
N LYS A 275 -14.06 20.58 -13.48
CA LYS A 275 -14.59 21.90 -13.80
C LYS A 275 -13.48 22.95 -13.97
N GLN A 276 -12.47 22.88 -13.10
CA GLN A 276 -11.35 23.82 -13.14
C GLN A 276 -10.23 23.41 -14.12
N GLY A 277 -10.45 22.32 -14.85
CA GLY A 277 -9.52 21.87 -15.89
C GLY A 277 -8.20 21.29 -15.38
N TYR A 278 -8.26 20.60 -14.25
CA TYR A 278 -7.12 19.85 -13.72
C TYR A 278 -6.61 18.82 -14.72
N THR A 279 -5.30 18.61 -14.73
CA THR A 279 -4.65 17.59 -15.53
C THR A 279 -3.74 16.77 -14.61
N PRO A 280 -3.30 15.58 -15.04
CA PRO A 280 -2.28 14.88 -14.25
C PRO A 280 -1.05 15.75 -13.96
N LEU A 281 -0.56 16.48 -14.97
CA LEU A 281 0.59 17.38 -14.78
C LEU A 281 0.37 18.38 -13.65
N LYS A 282 -0.80 19.01 -13.61
CA LYS A 282 -1.16 19.95 -12.55
C LYS A 282 -1.19 19.28 -11.17
N MET A 283 -1.73 18.06 -11.10
CA MET A 283 -1.82 17.32 -9.85
C MET A 283 -0.42 17.02 -9.29
N PHE A 284 0.49 16.59 -10.15
CA PHE A 284 1.88 16.35 -9.73
C PHE A 284 2.60 17.64 -9.34
N GLN A 285 2.36 18.71 -10.08
CA GLN A 285 2.92 20.04 -9.75
C GLN A 285 2.42 20.52 -8.38
N MET A 286 1.16 20.22 -8.07
CA MET A 286 0.57 20.59 -6.78
C MET A 286 1.16 19.77 -5.63
N GLY A 287 1.42 18.48 -5.89
CA GLY A 287 2.09 17.62 -4.93
C GLY A 287 3.49 18.15 -4.66
N ASP A 288 4.21 18.49 -5.72
CA ASP A 288 5.55 19.08 -5.63
C ASP A 288 5.51 20.35 -4.77
N ASP A 289 4.51 21.20 -5.03
CA ASP A 289 4.28 22.41 -4.24
C ASP A 289 4.10 22.14 -2.75
N PHE A 290 3.35 21.09 -2.42
CA PHE A 290 3.12 20.75 -1.01
C PHE A 290 4.44 20.42 -0.30
N PHE A 291 5.26 19.58 -0.91
CA PHE A 291 6.55 19.20 -0.31
C PHE A 291 7.45 20.43 -0.14
N THR A 292 7.62 21.20 -1.21
CA THR A 292 8.48 22.39 -1.16
C THR A 292 7.97 23.44 -0.18
N SER A 293 6.65 23.50 0.00
CA SER A 293 6.04 24.42 0.97
C SER A 293 6.44 24.09 2.40
N MET A 294 6.82 22.83 2.62
CA MET A 294 7.26 22.37 3.93
C MET A 294 8.77 22.47 4.10
N ASN A 295 9.44 23.12 3.15
CA ASN A 295 10.89 23.24 3.11
C ASN A 295 11.59 21.91 2.80
N LEU A 296 10.88 21.04 2.09
CA LEU A 296 11.43 19.77 1.63
C LEU A 296 11.86 19.88 0.16
N THR A 297 12.38 18.78 -0.39
CA THR A 297 13.09 18.81 -1.67
C THR A 297 12.19 18.82 -2.91
N LYS A 298 12.49 19.75 -3.81
CA LYS A 298 11.81 19.92 -5.10
C LYS A 298 12.11 18.76 -6.05
N LEU A 299 11.12 18.38 -6.85
CA LEU A 299 11.31 17.33 -7.84
C LEU A 299 12.36 17.73 -8.89
N PRO A 300 13.36 16.87 -9.12
CA PRO A 300 14.41 17.15 -10.10
C PRO A 300 13.90 17.06 -11.53
N GLN A 301 14.67 17.61 -12.46
CA GLN A 301 14.28 17.65 -13.87
C GLN A 301 14.10 16.25 -14.47
N ASP A 302 14.92 15.30 -14.04
CA ASP A 302 14.79 13.91 -14.48
C ASP A 302 13.40 13.35 -14.21
N PHE A 303 12.83 13.73 -13.08
CA PHE A 303 11.48 13.29 -12.72
C PHE A 303 10.47 13.69 -13.79
N TRP A 304 10.49 14.98 -14.17
CA TRP A 304 9.56 15.49 -15.18
C TRP A 304 9.85 14.92 -16.57
N ASP A 305 11.14 14.77 -16.89
CA ASP A 305 11.56 14.27 -18.21
C ASP A 305 11.22 12.81 -18.43
N LYS A 306 11.27 12.02 -17.36
CA LYS A 306 11.27 10.56 -17.49
C LYS A 306 10.03 9.85 -16.94
N SER A 307 9.27 10.54 -16.07
CA SER A 307 8.08 9.93 -15.47
C SER A 307 6.98 9.71 -16.48
N ILE A 308 6.12 8.73 -16.20
CA ILE A 308 4.92 8.48 -16.99
C ILE A 308 3.73 8.80 -16.08
N ILE A 309 3.00 9.85 -16.40
CA ILE A 309 1.92 10.32 -15.53
C ILE A 309 0.54 10.22 -16.18
N GLU A 310 0.47 9.59 -17.35
CA GLU A 310 -0.81 9.28 -18.00
C GLU A 310 -0.71 7.92 -18.65
N LYS A 311 -1.84 7.22 -18.72
CA LYS A 311 -1.89 5.95 -19.43
C LYS A 311 -1.61 6.20 -20.92
N PRO A 312 -0.62 5.48 -21.48
CA PRO A 312 -0.26 5.59 -22.89
C PRO A 312 -1.46 5.32 -23.80
N THR A 313 -1.54 6.05 -24.92
CA THR A 313 -2.69 5.97 -25.84
C THR A 313 -2.49 5.00 -27.01
N ASP A 314 -1.30 4.45 -27.16
CA ASP A 314 -1.05 3.40 -28.16
C ASP A 314 -1.69 2.08 -27.71
N GLY A 315 -1.42 1.00 -28.43
CA GLY A 315 -2.04 -0.29 -28.11
C GLY A 315 -1.36 -1.12 -27.03
N ARG A 316 -0.29 -0.57 -26.44
CA ARG A 316 0.63 -1.37 -25.62
C ARG A 316 0.08 -1.82 -24.28
N ASP A 317 0.59 -2.96 -23.82
CA ASP A 317 0.34 -3.45 -22.47
C ASP A 317 1.35 -2.83 -21.52
N LEU A 318 0.91 -2.54 -20.29
CA LEU A 318 1.78 -2.01 -19.24
C LEU A 318 1.20 -2.30 -17.86
N VAL A 319 2.02 -2.15 -16.82
CA VAL A 319 1.54 -2.19 -15.45
C VAL A 319 1.04 -0.79 -15.09
N CYS A 320 -0.27 -0.65 -14.89
CA CYS A 320 -0.86 0.63 -14.50
C CYS A 320 -0.92 0.83 -12.99
N HIS A 321 -0.68 -0.22 -12.20
CA HIS A 321 -0.68 -0.02 -10.75
C HIS A 321 0.41 0.98 -10.36
N ALA A 322 0.00 2.06 -9.70
CA ALA A 322 0.86 3.21 -9.42
C ALA A 322 2.12 2.82 -8.63
N SER A 323 3.26 3.37 -9.04
CA SER A 323 4.54 3.07 -8.40
C SER A 323 5.56 4.21 -8.50
N ALA A 324 6.48 4.24 -7.55
CA ALA A 324 7.58 5.20 -7.53
C ALA A 324 8.91 4.44 -7.64
N TRP A 325 9.86 5.03 -8.35
CA TRP A 325 11.08 4.32 -8.72
C TRP A 325 12.33 5.12 -8.38
N ASP A 326 13.29 4.45 -7.72
CA ASP A 326 14.59 5.02 -7.41
C ASP A 326 15.63 4.34 -8.30
N PHE A 327 16.41 5.14 -9.03
CA PHE A 327 17.41 4.58 -9.95
C PHE A 327 18.84 4.57 -9.42
N TYR A 328 19.00 5.01 -8.18
CA TYR A 328 20.23 4.84 -7.40
C TYR A 328 21.44 5.61 -7.90
N LEU A 329 21.18 6.72 -8.60
CA LEU A 329 22.24 7.65 -8.97
C LEU A 329 22.06 8.93 -8.15
N THR A 330 22.11 10.08 -8.81
CA THR A 330 21.70 11.33 -8.18
C THR A 330 20.52 11.89 -8.97
N ASP A 331 19.39 12.08 -8.29
CA ASP A 331 18.21 12.77 -8.84
C ASP A 331 17.47 12.03 -9.97
N ASP A 332 17.83 10.79 -10.26
CA ASP A 332 17.06 10.02 -11.22
C ASP A 332 16.01 9.22 -10.46
N VAL A 333 14.85 9.86 -10.30
CA VAL A 333 13.69 9.28 -9.64
C VAL A 333 12.46 9.47 -10.54
N ARG A 334 11.55 8.51 -10.53
CA ARG A 334 10.41 8.53 -11.46
C ARG A 334 9.14 7.94 -10.84
N ILE A 335 8.00 8.37 -11.38
CA ILE A 335 6.71 7.76 -11.07
C ILE A 335 6.09 7.25 -12.37
N LYS A 336 5.43 6.11 -12.27
CA LYS A 336 4.57 5.61 -13.34
C LYS A 336 3.17 5.49 -12.76
N GLN A 337 2.28 6.36 -13.21
CA GLN A 337 0.89 6.36 -12.74
C GLN A 337 -0.05 6.63 -13.91
N CYS A 338 -1.07 5.81 -14.04
CA CYS A 338 -2.08 6.02 -15.05
C CYS A 338 -3.14 6.99 -14.50
N THR A 339 -2.68 8.22 -14.27
CA THR A 339 -3.43 9.22 -13.52
C THR A 339 -4.81 9.55 -14.08
N ARG A 340 -5.74 9.79 -13.16
CA ARG A 340 -7.06 10.27 -13.51
C ARG A 340 -7.40 11.46 -12.65
N VAL A 341 -8.29 12.31 -13.12
CA VAL A 341 -8.61 13.53 -12.41
C VAL A 341 -9.72 13.28 -11.38
N THR A 342 -9.35 12.69 -10.24
CA THR A 342 -10.29 12.42 -9.16
C THR A 342 -9.68 12.79 -7.80
N GLN A 343 -10.53 12.92 -6.79
CA GLN A 343 -10.10 13.16 -5.41
C GLN A 343 -9.16 12.05 -4.93
N ASP A 344 -9.58 10.80 -5.11
CA ASP A 344 -8.76 9.65 -4.68
C ASP A 344 -7.41 9.63 -5.38
N GLN A 345 -7.40 9.95 -6.67
CA GLN A 345 -6.17 10.02 -7.45
C GLN A 345 -5.24 11.14 -7.00
N LEU A 346 -5.80 12.24 -6.51
CA LEU A 346 -5.01 13.33 -5.94
C LEU A 346 -4.26 12.86 -4.69
N PHE A 347 -4.91 12.00 -3.90
CA PHE A 347 -4.25 11.40 -2.74
C PHE A 347 -3.15 10.43 -3.18
N THR A 348 -3.44 9.62 -4.20
CA THR A 348 -2.48 8.67 -4.76
C THR A 348 -1.22 9.38 -5.29
N VAL A 349 -1.41 10.53 -5.94
CA VAL A 349 -0.29 11.35 -6.41
C VAL A 349 0.62 11.73 -5.23
N HIS A 350 0.03 12.16 -4.13
CA HIS A 350 0.77 12.55 -2.94
C HIS A 350 1.44 11.36 -2.23
N HIS A 351 0.76 10.21 -2.24
CA HIS A 351 1.34 8.97 -1.74
C HIS A 351 2.64 8.62 -2.48
N GLU A 352 2.56 8.58 -3.81
CA GLU A 352 3.71 8.22 -4.65
C GLU A 352 4.84 9.22 -4.54
N LEU A 353 4.49 10.50 -4.43
CA LEU A 353 5.49 11.56 -4.26
C LEU A 353 6.19 11.47 -2.90
N GLY A 354 5.50 10.86 -1.93
CA GLY A 354 6.09 10.56 -0.63
C GLY A 354 7.26 9.59 -0.71
N HIS A 355 7.12 8.58 -1.58
CA HIS A 355 8.22 7.65 -1.88
C HIS A 355 9.38 8.43 -2.50
N ILE A 356 9.06 9.25 -3.50
CA ILE A 356 10.07 10.05 -4.23
C ILE A 356 10.87 10.94 -3.28
N GLN A 357 10.17 11.61 -2.36
CA GLN A 357 10.82 12.45 -1.36
C GLN A 357 11.80 11.65 -0.48
N TYR A 358 11.38 10.46 -0.06
CA TYR A 358 12.24 9.57 0.72
C TYR A 358 13.52 9.24 -0.06
N PHE A 359 13.37 8.92 -1.35
CA PHE A 359 14.51 8.61 -2.23
C PHE A 359 15.52 9.77 -2.26
N LEU A 360 15.00 10.98 -2.46
CA LEU A 360 15.83 12.19 -2.52
C LEU A 360 16.50 12.50 -1.19
N GLN A 361 15.76 12.29 -0.10
CA GLN A 361 16.25 12.57 1.25
C GLN A 361 17.43 11.67 1.68
N TYR A 362 17.43 10.42 1.23
CA TYR A 362 18.51 9.50 1.61
C TYR A 362 19.50 9.11 0.49
N GLN A 363 19.44 9.78 -0.66
CA GLN A 363 20.29 9.42 -1.79
C GLN A 363 21.81 9.61 -1.54
N HIS A 364 22.16 10.33 -0.49
CA HIS A 364 23.55 10.54 -0.08
C HIS A 364 24.07 9.39 0.79
N GLN A 365 23.16 8.57 1.31
CA GLN A 365 23.54 7.41 2.13
C GLN A 365 24.25 6.34 1.29
N PRO A 366 25.09 5.51 1.94
CA PRO A 366 25.62 4.35 1.23
C PRO A 366 24.50 3.47 0.73
N PHE A 367 24.71 2.80 -0.40
CA PHE A 367 23.67 2.03 -1.08
C PHE A 367 22.77 1.19 -0.17
N VAL A 368 23.38 0.45 0.76
CA VAL A 368 22.59 -0.46 1.62
C VAL A 368 21.61 0.27 2.54
N TYR A 369 21.87 1.55 2.79
CA TYR A 369 21.01 2.38 3.62
C TYR A 369 20.00 3.18 2.80
N ARG A 370 20.05 3.05 1.48
CA ARG A 370 19.13 3.79 0.61
C ARG A 370 17.80 3.06 0.46
N THR A 371 17.09 2.95 1.59
CA THR A 371 15.76 2.34 1.65
C THR A 371 15.09 2.83 2.93
N GLY A 372 13.82 2.48 3.14
CA GLY A 372 13.08 2.96 4.32
C GLY A 372 13.59 2.40 5.63
N ALA A 373 13.34 3.12 6.71
CA ALA A 373 13.72 2.66 8.07
C ALA A 373 13.12 1.28 8.32
N ASN A 374 11.86 1.12 7.92
CA ASN A 374 11.26 -0.19 7.67
C ASN A 374 10.24 -0.01 6.52
N PRO A 375 9.75 -1.11 5.91
CA PRO A 375 8.86 -0.93 4.75
C PRO A 375 7.64 -0.05 5.02
N GLY A 376 7.12 -0.06 6.24
CA GLY A 376 5.98 0.77 6.63
C GLY A 376 6.26 2.27 6.60
N PHE A 377 7.48 2.66 6.95
CA PHE A 377 7.90 4.06 6.89
C PHE A 377 7.78 4.63 5.49
N HIS A 378 8.21 3.85 4.50
CA HIS A 378 8.17 4.28 3.10
C HIS A 378 6.75 4.55 2.62
N GLU A 379 5.82 3.69 3.04
CA GLU A 379 4.41 3.81 2.63
C GLU A 379 3.68 4.94 3.37
N ALA A 380 4.20 5.33 4.53
CA ALA A 380 3.53 6.33 5.37
C ALA A 380 3.74 7.78 4.91
N VAL A 381 4.91 8.07 4.35
CA VAL A 381 5.31 9.47 4.09
C VAL A 381 4.24 10.27 3.35
N GLY A 382 3.87 9.83 2.15
CA GLY A 382 2.90 10.54 1.33
C GLY A 382 1.50 10.60 1.92
N ASP A 383 1.13 9.56 2.68
CA ASP A 383 -0.17 9.48 3.33
C ASP A 383 -0.36 10.53 4.43
N VAL A 384 0.75 10.89 5.07
CA VAL A 384 0.73 11.98 6.06
C VAL A 384 0.28 13.29 5.39
N LEU A 385 0.79 13.57 4.19
CA LEU A 385 0.40 14.77 3.45
C LEU A 385 -1.03 14.63 2.92
N SER A 386 -1.36 13.45 2.41
CA SER A 386 -2.71 13.15 1.91
C SER A 386 -3.79 13.36 2.98
N LEU A 387 -3.47 13.04 4.24
CA LEU A 387 -4.38 13.33 5.35
C LEU A 387 -4.69 14.82 5.46
N SER A 388 -3.66 15.66 5.27
CA SER A 388 -3.83 17.11 5.25
C SER A 388 -4.57 17.58 4.01
N VAL A 389 -4.18 17.06 2.85
CA VAL A 389 -4.84 17.39 1.58
C VAL A 389 -6.35 17.12 1.66
N SER A 390 -6.73 16.05 2.36
CA SER A 390 -8.13 15.62 2.46
C SER A 390 -9.02 16.50 3.35
N THR A 391 -8.41 17.34 4.20
CA THR A 391 -9.16 18.17 5.13
C THR A 391 -9.96 19.24 4.41
N PRO A 392 -11.16 19.56 4.93
CA PRO A 392 -11.88 20.74 4.46
C PRO A 392 -10.99 22.00 4.47
N LYS A 393 -10.17 22.16 5.51
CA LYS A 393 -9.25 23.28 5.62
C LYS A 393 -8.41 23.47 4.35
N HIS A 394 -7.72 22.41 3.93
CA HIS A 394 -6.84 22.50 2.77
C HIS A 394 -7.62 22.63 1.46
N LEU A 395 -8.68 21.85 1.31
CA LEU A 395 -9.44 21.82 0.07
C LEU A 395 -10.15 23.14 -0.23
N GLU A 396 -10.51 23.87 0.82
CA GLU A 396 -11.03 25.24 0.68
C GLU A 396 -9.94 26.22 0.21
N LYS A 397 -8.73 26.06 0.74
CA LYS A 397 -7.57 26.89 0.34
C LYS A 397 -7.28 26.80 -1.17
N ILE A 398 -7.44 25.61 -1.75
CA ILE A 398 -7.14 25.41 -3.16
C ILE A 398 -8.37 25.51 -4.06
N GLY A 399 -9.47 25.98 -3.49
CA GLY A 399 -10.70 26.27 -4.24
C GLY A 399 -11.41 25.05 -4.81
N LEU A 400 -11.14 23.88 -4.23
CA LEU A 400 -11.79 22.65 -4.67
C LEU A 400 -13.07 22.35 -3.90
N LEU A 401 -13.19 22.94 -2.71
CA LEU A 401 -14.36 22.78 -1.86
C LEU A 401 -15.03 24.13 -1.61
N LYS A 402 -16.26 24.27 -2.10
CA LYS A 402 -16.98 25.54 -2.08
C LYS A 402 -18.22 25.48 -1.19
N ASP A 403 -18.54 26.62 -0.56
CA ASP A 403 -19.74 26.80 0.28
C ASP A 403 -19.88 25.75 1.40
N TYR A 404 -18.75 25.40 1.99
CA TYR A 404 -18.71 24.36 3.02
C TYR A 404 -18.94 24.96 4.41
N VAL A 405 -19.91 24.42 5.13
CA VAL A 405 -20.17 24.81 6.52
C VAL A 405 -19.76 23.66 7.43
N ARG A 406 -18.74 23.89 8.25
CA ARG A 406 -18.18 22.85 9.10
C ARG A 406 -18.89 22.78 10.46
N ASP A 407 -20.14 22.31 10.46
CA ASP A 407 -20.86 22.06 11.71
C ASP A 407 -20.56 20.66 12.26
N ASP A 408 -21.21 20.29 13.36
CA ASP A 408 -21.02 18.99 13.99
C ASP A 408 -21.36 17.81 13.08
N GLU A 409 -22.39 17.97 12.25
CA GLU A 409 -22.84 16.91 11.36
C GLU A 409 -21.89 16.74 10.17
N ALA A 410 -21.45 17.85 9.59
CA ALA A 410 -20.45 17.82 8.51
C ALA A 410 -19.15 17.19 8.97
N ARG A 411 -18.77 17.44 10.23
CA ARG A 411 -17.55 16.87 10.80
C ARG A 411 -17.63 15.34 10.91
N ILE A 412 -18.79 14.84 11.38
CA ILE A 412 -19.03 13.40 11.46
C ILE A 412 -18.97 12.74 10.08
N ASN A 413 -19.58 13.39 9.08
CA ASN A 413 -19.49 12.93 7.69
C ASN A 413 -18.05 12.79 7.21
N GLN A 414 -17.23 13.79 7.53
CA GLN A 414 -15.83 13.81 7.09
C GLN A 414 -14.98 12.77 7.83
N LEU A 415 -15.20 12.64 9.14
CA LEU A 415 -14.55 11.59 9.93
C LEU A 415 -14.95 10.20 9.43
N PHE A 416 -16.23 10.01 9.14
CA PHE A 416 -16.71 8.73 8.63
C PHE A 416 -16.07 8.42 7.28
N LEU A 417 -16.04 9.40 6.38
CA LEU A 417 -15.39 9.28 5.08
C LEU A 417 -13.93 8.85 5.20
N THR A 418 -13.19 9.49 6.11
CA THR A 418 -11.81 9.11 6.38
C THR A 418 -11.69 7.68 6.91
N ALA A 419 -12.60 7.31 7.82
CA ALA A 419 -12.60 5.96 8.41
C ALA A 419 -12.91 4.88 7.37
N LEU A 420 -13.73 5.21 6.38
CA LEU A 420 -14.03 4.27 5.28
C LEU A 420 -12.76 3.93 4.49
N ASP A 421 -11.75 4.78 4.59
CA ASP A 421 -10.44 4.52 3.99
C ASP A 421 -9.43 3.96 5.00
N LYS A 422 -9.38 4.55 6.19
CA LYS A 422 -8.28 4.29 7.12
C LYS A 422 -8.51 3.12 8.09
N ILE A 423 -9.73 2.99 8.59
CA ILE A 423 -10.04 1.93 9.56
C ILE A 423 -10.40 0.63 8.81
N VAL A 424 -11.28 0.76 7.82
CA VAL A 424 -11.68 -0.36 6.98
C VAL A 424 -10.48 -1.13 6.42
N PHE A 425 -9.45 -0.38 6.01
CA PHE A 425 -8.24 -0.96 5.40
C PHE A 425 -7.45 -1.87 6.34
N LEU A 426 -7.54 -1.62 7.64
CA LEU A 426 -6.69 -2.36 8.59
C LEU A 426 -6.86 -3.88 8.55
N PRO A 427 -8.09 -4.41 8.75
CA PRO A 427 -8.24 -5.86 8.64
C PRO A 427 -7.84 -6.36 7.25
N PHE A 428 -8.18 -5.61 6.21
CA PHE A 428 -7.81 -6.02 4.84
C PHE A 428 -6.31 -6.27 4.71
N ALA A 429 -5.53 -5.26 5.08
CA ALA A 429 -4.07 -5.31 4.95
C ALA A 429 -3.48 -6.47 5.75
N PHE A 430 -3.98 -6.67 6.97
CA PHE A 430 -3.52 -7.77 7.83
C PHE A 430 -3.76 -9.12 7.15
N THR A 431 -4.92 -9.31 6.53
CA THR A 431 -5.26 -10.60 5.89
C THR A 431 -4.39 -10.92 4.68
N MET A 432 -3.97 -9.91 3.92
CA MET A 432 -3.11 -10.14 2.76
C MET A 432 -1.85 -10.94 3.14
N ASP A 433 -1.19 -10.51 4.22
CA ASP A 433 0.01 -11.22 4.66
C ASP A 433 -0.26 -12.40 5.59
N LYS A 434 -1.31 -12.34 6.41
CA LYS A 434 -1.70 -13.53 7.18
C LYS A 434 -1.94 -14.71 6.22
N TYR A 435 -2.59 -14.42 5.10
CA TYR A 435 -2.82 -15.45 4.09
C TYR A 435 -1.50 -16.00 3.53
N ARG A 436 -0.68 -15.11 2.99
CA ARG A 436 0.56 -15.52 2.37
C ARG A 436 1.52 -16.17 3.37
N TRP A 437 1.62 -15.61 4.58
CA TRP A 437 2.40 -16.24 5.64
C TRP A 437 2.00 -17.69 5.87
N SER A 438 0.70 -17.95 5.94
CA SER A 438 0.21 -19.32 6.21
C SER A 438 0.57 -20.31 5.09
N LEU A 439 0.58 -19.84 3.84
CA LEU A 439 1.04 -20.67 2.72
C LEU A 439 2.55 -20.89 2.76
N PHE A 440 3.30 -19.79 2.97
CA PHE A 440 4.76 -19.83 3.12
C PHE A 440 5.20 -20.80 4.21
N ARG A 441 4.51 -20.74 5.35
CA ARG A 441 4.82 -21.58 6.51
C ARG A 441 4.34 -23.03 6.38
N GLY A 442 3.62 -23.34 5.30
CA GLY A 442 3.11 -24.69 5.05
C GLY A 442 1.99 -25.08 5.99
N GLU A 443 1.21 -24.10 6.41
CA GLU A 443 0.15 -24.31 7.39
C GLU A 443 -1.19 -24.68 6.75
N VAL A 444 -1.29 -24.52 5.43
CA VAL A 444 -2.51 -24.83 4.69
C VAL A 444 -2.18 -25.84 3.58
N ASP A 445 -2.92 -26.94 3.53
CA ASP A 445 -2.79 -27.91 2.44
C ASP A 445 -3.28 -27.31 1.13
N LYS A 446 -2.58 -27.62 0.04
CA LYS A 446 -2.88 -27.08 -1.30
C LYS A 446 -4.35 -27.25 -1.69
N ALA A 447 -4.98 -28.32 -1.19
CA ALA A 447 -6.39 -28.59 -1.44
C ALA A 447 -7.33 -27.56 -0.81
N ASN A 448 -6.81 -26.77 0.13
CA ASN A 448 -7.61 -25.81 0.88
C ASN A 448 -7.21 -24.34 0.67
N TRP A 449 -6.34 -24.10 -0.31
CA TRP A 449 -5.75 -22.76 -0.52
C TRP A 449 -6.76 -21.64 -0.82
N ASN A 450 -7.79 -21.91 -1.62
CA ASN A 450 -8.72 -20.83 -1.95
C ASN A 450 -9.67 -20.47 -0.82
N CYS A 451 -10.24 -21.47 -0.15
CA CYS A 451 -11.15 -21.17 0.93
C CYS A 451 -10.43 -20.65 2.18
N ALA A 452 -9.13 -20.96 2.29
CA ALA A 452 -8.27 -20.37 3.33
C ALA A 452 -8.17 -18.84 3.18
N PHE A 453 -8.14 -18.37 1.94
CA PHE A 453 -8.14 -16.93 1.64
C PHE A 453 -9.46 -16.30 2.09
N TRP A 454 -10.56 -16.85 1.60
CA TRP A 454 -11.87 -16.29 1.92
C TRP A 454 -12.26 -16.44 3.39
N LYS A 455 -11.77 -17.49 4.05
CA LYS A 455 -11.99 -17.64 5.51
C LYS A 455 -11.40 -16.46 6.28
N LEU A 456 -10.19 -16.06 5.92
CA LEU A 456 -9.55 -14.90 6.54
C LEU A 456 -10.29 -13.59 6.26
N ARG A 457 -10.68 -13.39 5.00
CA ARG A 457 -11.43 -12.20 4.61
C ARG A 457 -12.73 -12.10 5.41
N ASP A 458 -13.37 -13.24 5.64
CA ASP A 458 -14.58 -13.35 6.46
C ASP A 458 -14.26 -13.02 7.93
N GLU A 459 -13.35 -13.79 8.51
CA GLU A 459 -13.00 -13.66 9.93
C GLU A 459 -12.63 -12.23 10.32
N TYR A 460 -11.80 -11.59 9.51
CA TYR A 460 -11.27 -10.27 9.85
C TYR A 460 -12.09 -9.09 9.33
N SER A 461 -12.52 -9.14 8.07
CA SER A 461 -13.23 -8.02 7.45
C SER A 461 -14.75 -8.16 7.41
N GLY A 462 -15.26 -9.38 7.56
CA GLY A 462 -16.71 -9.60 7.49
C GLY A 462 -17.29 -9.28 6.14
N ILE A 463 -16.52 -9.61 5.11
CA ILE A 463 -16.98 -9.48 3.72
C ILE A 463 -16.89 -10.86 3.06
N GLU A 464 -17.53 -11.01 1.90
CA GLU A 464 -17.53 -12.28 1.18
C GLU A 464 -17.74 -12.03 -0.31
N PRO A 465 -17.35 -13.01 -1.15
CA PRO A 465 -17.61 -12.89 -2.60
C PRO A 465 -19.11 -12.74 -2.92
N PRO A 466 -19.44 -12.14 -4.08
CA PRO A 466 -20.82 -11.95 -4.52
C PRO A 466 -21.47 -13.27 -4.96
N VAL A 467 -20.65 -14.22 -5.36
CA VAL A 467 -21.10 -15.53 -5.83
C VAL A 467 -20.33 -16.63 -5.09
N VAL A 468 -20.87 -17.84 -5.13
CA VAL A 468 -20.23 -18.99 -4.50
C VAL A 468 -18.93 -19.35 -5.23
N ARG A 469 -17.83 -19.41 -4.47
CA ARG A 469 -16.54 -19.85 -4.96
C ARG A 469 -16.22 -21.22 -4.37
N SER A 470 -15.17 -21.84 -4.90
CA SER A 470 -14.73 -23.15 -4.42
C SER A 470 -13.24 -23.29 -4.66
N GLU A 471 -12.70 -24.48 -4.44
CA GLU A 471 -11.29 -24.74 -4.70
C GLU A 471 -10.99 -24.85 -6.20
N LYS A 472 -12.04 -24.75 -7.01
CA LYS A 472 -11.86 -24.66 -8.46
C LYS A 472 -11.43 -23.25 -8.85
N ASP A 473 -11.65 -22.28 -7.96
CA ASP A 473 -11.22 -20.91 -8.19
C ASP A 473 -9.95 -20.65 -7.39
N PHE A 474 -9.23 -19.59 -7.75
CA PHE A 474 -8.07 -19.16 -6.97
C PHE A 474 -7.97 -17.64 -6.98
N ASP A 475 -8.49 -17.02 -5.94
CA ASP A 475 -8.84 -15.60 -5.98
C ASP A 475 -7.77 -14.62 -5.47
N ALA A 476 -6.83 -15.10 -4.66
CA ALA A 476 -5.82 -14.23 -4.05
C ALA A 476 -5.01 -13.39 -5.05
N PRO A 477 -4.52 -13.99 -6.17
CA PRO A 477 -3.72 -13.20 -7.11
C PRO A 477 -4.49 -12.13 -7.89
N ALA A 478 -5.81 -12.05 -7.70
CA ALA A 478 -6.60 -10.97 -8.29
C ALA A 478 -6.26 -9.61 -7.67
N LYS A 479 -5.52 -9.63 -6.55
CA LYS A 479 -4.97 -8.42 -5.94
C LYS A 479 -3.55 -8.22 -6.47
N TYR A 480 -3.27 -7.01 -6.97
CA TYR A 480 -1.99 -6.71 -7.64
C TYR A 480 -0.76 -7.22 -6.88
N HIS A 481 -0.66 -6.82 -5.61
CA HIS A 481 0.49 -7.16 -4.78
C HIS A 481 0.72 -8.65 -4.63
N ILE A 482 -0.37 -9.43 -4.68
CA ILE A 482 -0.24 -10.88 -4.60
C ILE A 482 0.34 -11.45 -5.90
N SER A 483 -0.17 -11.02 -7.06
CA SER A 483 0.43 -11.39 -8.35
C SER A 483 1.86 -10.88 -8.53
N ALA A 484 2.14 -9.69 -7.98
CA ALA A 484 3.43 -9.04 -8.18
C ALA A 484 4.47 -9.34 -7.11
N ASP A 485 4.12 -10.20 -6.15
CA ASP A 485 5.02 -10.58 -5.05
C ASP A 485 5.57 -9.34 -4.34
N VAL A 486 4.65 -8.52 -3.84
CA VAL A 486 5.00 -7.35 -3.03
C VAL A 486 4.42 -7.55 -1.64
N GLU A 487 5.30 -7.56 -0.63
CA GLU A 487 4.89 -7.68 0.77
C GLU A 487 3.81 -6.64 1.11
N TYR A 488 2.80 -7.04 1.88
CA TYR A 488 1.67 -6.13 2.18
C TYR A 488 1.63 -5.57 3.60
N LEU A 489 2.31 -6.22 4.53
CA LEU A 489 2.29 -5.77 5.93
C LEU A 489 2.75 -4.32 6.07
N ARG A 490 3.65 -3.89 5.18
CA ARG A 490 4.05 -2.49 5.05
C ARG A 490 2.88 -1.51 5.09
N TYR A 491 1.75 -1.89 4.49
CA TYR A 491 0.60 -0.99 4.47
C TYR A 491 -0.16 -0.95 5.79
N LEU A 492 -0.24 -2.09 6.48
CA LEU A 492 -0.83 -2.11 7.82
C LEU A 492 0.02 -1.25 8.76
N VAL A 493 1.34 -1.45 8.71
CA VAL A 493 2.26 -0.66 9.54
C VAL A 493 2.09 0.83 9.21
N SER A 494 2.12 1.15 7.91
CA SER A 494 1.90 2.52 7.43
C SER A 494 0.65 3.17 8.03
N PHE A 495 -0.50 2.50 7.90
CA PHE A 495 -1.77 3.06 8.35
C PHE A 495 -1.83 3.32 9.87
N ILE A 496 -1.02 2.59 10.63
CA ILE A 496 -0.87 2.86 12.07
C ILE A 496 0.10 4.03 12.31
N ILE A 497 1.32 3.93 11.78
CA ILE A 497 2.36 4.92 12.10
C ILE A 497 2.14 6.28 11.44
N GLN A 498 1.42 6.32 10.32
CA GLN A 498 1.13 7.60 9.66
C GLN A 498 0.33 8.57 10.54
N PHE A 499 -0.44 8.03 11.48
CA PHE A 499 -1.16 8.86 12.43
C PHE A 499 -0.27 9.37 13.55
N GLN A 500 0.74 8.57 13.91
CA GLN A 500 1.80 9.04 14.82
C GLN A 500 2.55 10.21 14.16
N PHE A 501 2.93 10.05 12.90
CA PHE A 501 3.58 11.13 12.13
C PHE A 501 2.68 12.35 11.93
N TYR A 502 1.40 12.11 11.64
CA TYR A 502 0.45 13.20 11.39
C TYR A 502 0.21 14.01 12.65
N LYS A 503 -0.09 13.33 13.76
CA LYS A 503 -0.33 13.97 15.05
C LYS A 503 0.85 14.86 15.46
N SER A 504 2.05 14.31 15.34
CA SER A 504 3.26 15.03 15.73
C SER A 504 3.56 16.21 14.80
N ALA A 505 3.42 16.00 13.49
CA ALA A 505 3.61 17.07 12.50
C ALA A 505 2.61 18.21 12.72
N CYS A 506 1.37 17.85 13.03
CA CYS A 506 0.31 18.82 13.32
C CYS A 506 0.59 19.62 14.60
N ILE A 507 1.06 18.94 15.64
CA ILE A 507 1.46 19.61 16.89
C ILE A 507 2.60 20.59 16.61
N LYS A 508 3.61 20.12 15.88
CA LYS A 508 4.75 20.94 15.49
C LYS A 508 4.35 22.16 14.65
N ALA A 509 3.33 22.00 13.80
CA ALA A 509 2.84 23.07 12.94
C ALA A 509 1.89 24.05 13.64
N GLY A 510 1.59 23.79 14.91
CA GLY A 510 0.62 24.59 15.67
C GLY A 510 -0.80 24.37 15.17
N GLN A 511 -1.03 23.22 14.55
CA GLN A 511 -2.31 22.90 13.90
C GLN A 511 -3.17 21.96 14.73
N TYR A 512 -2.62 21.41 15.80
CA TYR A 512 -3.37 20.52 16.68
C TYR A 512 -3.08 20.79 18.15
N ASP A 513 -4.15 21.00 18.91
CA ASP A 513 -4.12 21.13 20.36
C ASP A 513 -5.35 20.40 20.87
N PRO A 514 -5.15 19.33 21.68
CA PRO A 514 -6.26 18.51 22.17
C PRO A 514 -7.24 19.27 23.08
N ASP A 515 -6.82 20.43 23.60
CA ASP A 515 -7.65 21.24 24.48
C ASP A 515 -8.18 22.52 23.81
N ASN A 516 -8.03 22.58 22.49
CA ASN A 516 -8.53 23.71 21.71
C ASN A 516 -9.51 23.25 20.64
N VAL A 517 -10.78 23.57 20.85
CA VAL A 517 -11.88 23.21 19.95
C VAL A 517 -11.66 23.72 18.51
N GLU A 518 -10.84 24.77 18.37
CA GLU A 518 -10.57 25.37 17.06
C GLU A 518 -9.44 24.65 16.32
N LEU A 519 -8.74 23.75 17.00
CA LEU A 519 -7.62 23.04 16.38
C LEU A 519 -7.78 21.51 16.48
N PRO A 520 -8.83 20.95 15.84
CA PRO A 520 -9.02 19.51 15.91
C PRO A 520 -8.05 18.78 14.98
N LEU A 521 -7.67 17.55 15.35
CA LEU A 521 -6.71 16.78 14.56
C LEU A 521 -7.21 16.52 13.15
N ASP A 522 -8.52 16.27 13.03
CA ASP A 522 -9.13 15.93 11.75
C ASP A 522 -9.32 17.10 10.77
N ASN A 523 -8.89 18.30 11.16
CA ASN A 523 -8.86 19.44 10.22
C ASN A 523 -7.49 20.12 10.12
N CYS A 524 -6.45 19.42 10.56
CA CYS A 524 -5.07 19.92 10.48
C CYS A 524 -4.53 19.96 9.04
N ASP A 525 -3.95 21.10 8.66
CA ASP A 525 -3.28 21.23 7.39
C ASP A 525 -1.83 21.64 7.61
N ILE A 526 -0.91 20.73 7.28
CA ILE A 526 0.52 20.99 7.46
C ILE A 526 1.18 21.69 6.26
N TYR A 527 0.37 22.10 5.27
CA TYR A 527 0.89 22.87 4.14
C TYR A 527 1.62 24.11 4.64
N GLY A 528 2.78 24.38 4.06
CA GLY A 528 3.56 25.57 4.38
C GLY A 528 4.34 25.51 5.68
N SER A 529 4.32 24.35 6.35
CA SER A 529 4.98 24.22 7.66
C SER A 529 6.42 23.72 7.55
N ALA A 530 7.38 24.63 7.77
CA ALA A 530 8.81 24.28 7.80
C ALA A 530 9.16 23.39 8.99
N ALA A 531 8.48 23.61 10.11
CA ALA A 531 8.68 22.81 11.32
C ALA A 531 8.32 21.34 11.11
N ALA A 532 7.15 21.07 10.52
CA ALA A 532 6.77 19.71 10.16
C ALA A 532 7.77 19.11 9.17
N GLY A 533 8.19 19.92 8.19
CA GLY A 533 9.18 19.50 7.20
C GLY A 533 10.52 19.14 7.80
N ALA A 534 10.93 19.88 8.83
CA ALA A 534 12.18 19.62 9.55
C ALA A 534 12.18 18.23 10.16
N ALA A 535 11.08 17.86 10.81
CA ALA A 535 10.92 16.53 11.40
C ALA A 535 11.04 15.43 10.33
N PHE A 536 10.41 15.66 9.17
CA PHE A 536 10.55 14.76 8.02
C PHE A 536 11.98 14.65 7.52
N HIS A 537 12.64 15.79 7.34
CA HIS A 537 14.04 15.78 6.92
C HIS A 537 14.91 15.00 7.90
N ASN A 538 14.73 15.25 9.19
CA ASN A 538 15.48 14.55 10.24
C ASN A 538 15.33 13.03 10.18
N MET A 539 14.12 12.56 9.87
CA MET A 539 13.84 11.12 9.82
C MET A 539 14.22 10.50 8.47
N LEU A 540 13.74 11.10 7.38
CA LEU A 540 13.92 10.52 6.05
C LEU A 540 15.37 10.46 5.60
N SER A 541 16.17 11.45 6.02
CA SER A 541 17.57 11.52 5.61
C SER A 541 18.41 10.36 6.17
N MET A 542 17.90 9.75 7.24
CA MET A 542 18.55 8.60 7.87
C MET A 542 18.51 7.34 7.02
N GLY A 543 17.49 7.24 6.15
CA GLY A 543 17.27 6.02 5.39
C GLY A 543 17.18 4.83 6.34
N ALA A 544 17.95 3.79 6.04
CA ALA A 544 17.99 2.58 6.87
C ALA A 544 19.30 2.46 7.65
N SER A 545 19.94 3.61 7.88
CA SER A 545 21.23 3.65 8.62
C SER A 545 21.12 3.23 10.07
N LYS A 546 19.91 3.31 10.62
CA LYS A 546 19.64 2.93 12.00
C LYS A 546 18.35 2.12 12.08
N PRO A 547 18.22 1.26 13.13
CA PRO A 547 16.95 0.55 13.35
C PRO A 547 15.78 1.54 13.45
N TRP A 548 14.62 1.15 12.94
CA TRP A 548 13.49 2.08 12.78
C TRP A 548 13.04 2.86 14.04
N PRO A 549 13.15 2.27 15.25
CA PRO A 549 12.80 3.09 16.43
C PRO A 549 13.65 4.36 16.57
N ASP A 550 14.89 4.31 16.08
CA ASP A 550 15.77 5.49 16.05
C ASP A 550 15.29 6.51 15.03
N ALA A 551 14.70 6.03 13.94
CA ALA A 551 14.15 6.92 12.93
C ALA A 551 12.88 7.60 13.42
N LEU A 552 12.04 6.85 14.13
CA LEU A 552 10.85 7.42 14.76
C LEU A 552 11.25 8.45 15.80
N GLU A 553 12.29 8.15 16.57
CA GLU A 553 12.79 9.07 17.61
C GLU A 553 13.24 10.40 17.03
N ALA A 554 13.88 10.33 15.86
CA ALA A 554 14.34 11.52 15.14
C ALA A 554 13.17 12.42 14.73
N PHE A 555 12.02 11.82 14.44
CA PHE A 555 10.83 12.57 14.05
C PHE A 555 10.16 13.24 15.25
N ASN A 556 9.86 12.48 16.30
CA ASN A 556 9.03 12.98 17.41
C ASN A 556 9.43 12.56 18.82
N GLY A 557 10.61 11.95 18.95
CA GLY A 557 11.12 11.51 20.26
C GLY A 557 10.59 10.20 20.79
N GLU A 558 9.73 9.54 20.01
CA GLU A 558 9.14 8.26 20.44
C GLU A 558 9.85 7.09 19.78
N ARG A 559 9.77 5.90 20.39
CA ARG A 559 10.47 4.73 19.88
C ARG A 559 9.56 3.53 19.65
N ILE A 560 8.27 3.72 19.90
CA ILE A 560 7.30 2.62 19.93
C ILE A 560 6.19 2.82 18.90
N MET A 561 5.95 1.78 18.09
CA MET A 561 4.78 1.75 17.22
C MET A 561 3.53 1.64 18.11
N SER A 562 2.60 2.58 17.94
CA SER A 562 1.44 2.67 18.82
C SER A 562 0.16 3.01 18.09
N GLY A 563 -0.94 2.39 18.52
CA GLY A 563 -2.27 2.70 18.00
C GLY A 563 -2.95 3.87 18.68
N LYS A 564 -2.24 4.53 19.60
CA LYS A 564 -2.82 5.65 20.35
C LYS A 564 -3.27 6.80 19.43
N ALA A 565 -2.42 7.18 18.49
CA ALA A 565 -2.68 8.31 17.62
C ALA A 565 -3.87 8.09 16.68
N ILE A 566 -3.94 6.93 16.05
CA ILE A 566 -5.08 6.64 15.17
C ILE A 566 -6.41 6.63 15.96
N ALA A 567 -6.39 6.05 17.15
CA ALA A 567 -7.57 6.03 18.02
C ALA A 567 -8.02 7.45 18.41
N GLU A 568 -7.03 8.30 18.69
CA GLU A 568 -7.24 9.70 19.05
C GLU A 568 -7.92 10.48 17.92
N TYR A 569 -7.45 10.27 16.69
CA TYR A 569 -8.02 10.90 15.51
C TYR A 569 -9.51 10.57 15.36
N PHE A 570 -9.86 9.29 15.57
CA PHE A 570 -11.23 8.81 15.32
C PHE A 570 -12.13 8.79 16.55
N GLU A 571 -11.60 9.20 17.70
CA GLU A 571 -12.37 9.20 18.96
C GLU A 571 -13.73 9.92 18.87
N PRO A 572 -13.80 11.12 18.23
CA PRO A 572 -15.11 11.76 18.09
C PRO A 572 -16.11 10.91 17.28
N LEU A 573 -15.62 10.22 16.27
CA LEU A 573 -16.44 9.31 15.47
C LEU A 573 -16.89 8.09 16.28
N ARG A 574 -15.97 7.52 17.06
CA ARG A 574 -16.28 6.35 17.90
C ARG A 574 -17.45 6.65 18.83
N VAL A 575 -17.40 7.81 19.49
CA VAL A 575 -18.44 8.24 20.42
C VAL A 575 -19.79 8.37 19.69
N TRP A 576 -19.80 9.08 18.57
CA TRP A 576 -21.02 9.27 17.80
C TRP A 576 -21.59 7.96 17.24
N LEU A 577 -20.70 7.11 16.73
CA LEU A 577 -21.10 5.88 16.04
C LEU A 577 -21.67 4.83 16.98
N GLU A 578 -21.03 4.66 18.14
CA GLU A 578 -21.52 3.72 19.14
C GLU A 578 -22.95 4.09 19.55
N ALA A 579 -23.19 5.39 19.70
CA ALA A 579 -24.51 5.90 20.09
C ALA A 579 -25.53 5.74 18.96
N GLU A 580 -25.10 6.01 17.72
CA GLU A 580 -25.99 5.92 16.56
C GLU A 580 -26.43 4.48 16.30
N ASN A 581 -25.50 3.54 16.48
CA ASN A 581 -25.80 2.13 16.31
C ASN A 581 -26.77 1.61 17.38
N ILE A 582 -26.62 2.10 18.61
CA ILE A 582 -27.56 1.77 19.69
C ILE A 582 -28.94 2.39 19.40
N LYS A 583 -28.97 3.65 18.99
CA LYS A 583 -30.20 4.35 18.65
C LYS A 583 -31.00 3.62 17.57
N ASN A 584 -30.27 3.08 16.58
CA ASN A 584 -30.88 2.40 15.44
C ASN A 584 -30.90 0.87 15.56
N ASN A 585 -30.57 0.37 16.76
CA ASN A 585 -30.58 -1.07 17.04
C ASN A 585 -29.80 -1.86 15.98
N VAL A 586 -28.61 -1.36 15.65
CA VAL A 586 -27.81 -1.89 14.55
C VAL A 586 -27.10 -3.17 14.97
N HIS A 587 -27.32 -4.23 14.20
CA HIS A 587 -26.68 -5.52 14.48
C HIS A 587 -25.18 -5.45 14.20
N ILE A 588 -24.39 -5.93 15.16
CA ILE A 588 -22.92 -5.92 15.06
C ILE A 588 -22.41 -7.36 15.00
N GLY A 589 -21.45 -7.61 14.13
CA GLY A 589 -20.88 -8.94 13.96
C GLY A 589 -21.55 -9.68 12.81
N TRP A 590 -21.01 -10.84 12.45
CA TRP A 590 -21.51 -11.61 11.31
C TRP A 590 -21.39 -13.12 11.49
N THR A 591 -22.33 -13.84 10.87
CA THR A 591 -22.26 -15.29 10.80
C THR A 591 -21.18 -15.70 9.81
N THR A 592 -20.71 -16.95 9.91
CA THR A 592 -19.70 -17.47 9.00
C THR A 592 -20.25 -17.57 7.58
N SER A 593 -19.45 -17.12 6.61
CA SER A 593 -19.85 -17.06 5.21
C SER A 593 -20.13 -18.44 4.61
N ASN A 594 -21.06 -18.49 3.67
CA ASN A 594 -21.40 -19.69 2.92
CA ASN A 594 -21.32 -19.74 2.97
C ASN A 594 -20.86 -19.67 1.49
N LYS A 595 -20.03 -18.67 1.20
CA LYS A 595 -19.58 -18.38 -0.17
C LYS A 595 -18.30 -19.07 -0.67
N CYS A 596 -17.70 -19.94 0.15
CA CYS A 596 -16.58 -20.77 -0.33
C CYS A 596 -16.81 -22.23 0.05
N VAL A 597 -17.12 -23.04 -0.96
CA VAL A 597 -17.45 -24.45 -0.77
C VAL A 597 -16.19 -25.31 -0.73
N SER A 598 -16.09 -26.13 0.31
CA SER A 598 -14.98 -27.08 0.45
C SER A 598 -15.33 -28.41 -0.22
C1 NAG B . 22.68 -21.74 7.32
C2 NAG B . 23.93 -20.99 6.86
C3 NAG B . 24.99 -21.97 6.35
C4 NAG B . 25.21 -23.12 7.34
C5 NAG B . 23.88 -23.74 7.77
C6 NAG B . 24.08 -24.81 8.83
C7 NAG B . 23.62 -18.75 5.94
C8 NAG B . 23.26 -17.94 4.72
N2 NAG B . 23.61 -20.07 5.79
O3 NAG B . 26.19 -21.27 6.14
O4 NAG B . 26.02 -24.10 6.70
O5 NAG B . 23.01 -22.73 8.28
O6 NAG B . 22.84 -25.34 9.23
O7 NAG B . 23.88 -18.18 7.01
C1 NAG B . 27.27 -24.29 7.39
C2 NAG B . 27.92 -25.56 6.85
C3 NAG B . 29.27 -25.83 7.54
C4 NAG B . 30.18 -24.60 7.50
C5 NAG B . 29.43 -23.31 7.89
C6 NAG B . 30.26 -22.09 7.53
C7 NAG B . 26.63 -27.37 8.01
C8 NAG B . 25.65 -28.49 7.79
N2 NAG B . 27.00 -26.69 6.92
O3 NAG B . 29.89 -26.92 6.91
O4 NAG B . 31.26 -24.77 8.40
O5 NAG B . 28.16 -23.19 7.24
O6 NAG B . 30.08 -21.12 8.52
O7 NAG B . 27.03 -27.13 9.15
C1 BMA B . 32.46 -25.26 7.76
C2 BMA B . 33.68 -24.73 8.52
C3 BMA B . 34.99 -25.33 7.96
C4 BMA B . 34.90 -26.85 7.79
C5 BMA B . 33.61 -27.22 7.05
C6 BMA B . 33.44 -28.74 6.94
O2 BMA B . 33.55 -25.04 9.89
O3 BMA B . 36.06 -25.00 8.82
O4 BMA B . 36.03 -27.29 7.08
O5 BMA B . 32.50 -26.67 7.72
O6 BMA B . 32.07 -29.03 6.71
C1 MAN B . 36.88 -23.98 8.22
C2 MAN B . 38.33 -24.11 8.70
C3 MAN B . 38.46 -23.71 10.16
C4 MAN B . 37.78 -22.37 10.46
C5 MAN B . 36.40 -22.22 9.80
C6 MAN B . 35.95 -20.76 9.78
O2 MAN B . 39.16 -23.29 7.90
O3 MAN B . 39.83 -23.64 10.51
O4 MAN B . 37.65 -22.25 11.87
O5 MAN B . 36.41 -22.66 8.44
O6 MAN B . 35.41 -20.39 11.02
C1 BMA B . 36.07 -19.21 11.54
C2 BMA B . 35.89 -19.16 13.07
C3 BMA B . 36.77 -18.10 13.73
C4 BMA B . 38.21 -18.14 13.21
C5 BMA B . 38.18 -18.05 11.69
C6 BMA B . 39.58 -18.07 11.09
O2 BMA B . 36.15 -20.42 13.63
O3 BMA B . 36.76 -18.25 15.14
O4 BMA B . 38.93 -17.06 13.75
O5 BMA B . 37.44 -19.14 11.17
O6 BMA B . 39.68 -16.98 10.18
C1 MAN B . 31.95 -30.17 5.84
C2 MAN B . 30.97 -29.87 4.68
C3 MAN B . 29.50 -30.00 5.11
C4 MAN B . 29.26 -31.27 5.93
C5 MAN B . 30.28 -31.35 7.07
C6 MAN B . 30.10 -32.60 7.94
O2 MAN B . 31.24 -30.72 3.60
O3 MAN B . 28.65 -30.00 3.99
O4 MAN B . 27.94 -31.25 6.44
O5 MAN B . 31.59 -31.36 6.53
O6 MAN B . 30.82 -32.44 9.14
CAC FLC C . -2.76 -0.29 -3.14
CA FLC C . -1.32 0.19 -3.21
CB FLC C . -1.09 1.67 -2.89
CBC FLC C . -0.75 2.39 -4.19
CG FLC C . -2.25 2.41 -2.18
CGC FLC C . -2.72 1.83 -0.86
OA1 FLC C . -3.62 0.30 -3.82
OA2 FLC C . -3.03 -1.27 -2.41
OB1 FLC C . 0.45 2.42 -4.55
OB2 FLC C . -1.66 2.93 -4.86
OG1 FLC C . -2.15 0.82 -0.35
OG2 FLC C . -3.71 2.37 -0.31
OHB FLC C . 0.04 1.77 -2.03
ZN ZN D . 3.45 3.10 -1.78
C1 NAG E . 14.91 25.00 5.48
C2 NAG E . 14.80 25.71 6.83
C3 NAG E . 16.17 26.09 7.40
C4 NAG E . 17.14 24.91 7.30
C5 NAG E . 17.12 24.32 5.90
C6 NAG E . 18.05 23.11 5.82
C7 NAG E . 13.25 27.33 7.74
C8 NAG E . 12.44 28.58 7.52
N2 NAG E . 13.99 26.92 6.72
O3 NAG E . 16.03 26.46 8.75
O4 NAG E . 18.44 25.37 7.60
O5 NAG E . 15.80 23.92 5.58
O6 NAG E . 17.47 22.13 4.99
O7 NAG E . 13.19 26.73 8.81
C1 NAG F . 7.97 -1.56 -26.61
C2 NAG F . 8.34 -0.26 -27.33
C3 NAG F . 8.91 -0.48 -28.73
C4 NAG F . 9.89 -1.64 -28.77
C5 NAG F . 9.25 -2.86 -28.11
C6 NAG F . 10.18 -4.06 -28.17
C7 NAG F . 7.12 1.81 -26.94
C8 NAG F . 5.85 2.56 -27.16
N2 NAG F . 7.17 0.59 -27.47
O3 NAG F . 9.55 0.70 -29.17
O4 NAG F . 10.22 -1.95 -30.11
O5 NAG F . 8.99 -2.53 -26.77
O6 NAG F . 9.91 -4.93 -27.09
O7 NAG F . 8.04 2.30 -26.29
#